data_9MWZ
#
_entry.id   9MWZ
#
loop_
_entity.id
_entity.type
_entity.pdbx_description
1 polymer 'viral protein 1'
2 polymer 'viral protein 2'
3 polymer 'viral protein 3'
4 polymer 'viral protein 4'
5 water water
#
loop_
_entity_poly.entity_id
_entity_poly.type
_entity_poly.pdbx_seq_one_letter_code
_entity_poly.pdbx_strand_id
1 'polypeptide(L)'
;IESIIKTATDTVKSEINAELGVVPSLNAVETGATSNTEPEEAIQTRTVINQHGVSETLVENFLSRAALVSKRSFEYKDHT
SSAAQTDKNFFKWTINTRSFVQLRRKLELFTYLRFDAEITILTTVAVNGSSNNTYVGLPDLTLQAMFVPTGALTPEKQDS
FHWQSGSNASVFFKISDPPARMTIPFMCINSAYSVFYDGFAGFEKSGLYGINPADTIGNLCVRIVNEHQPVGFTVTVRVY
MKPKHIKAWAPRPPRTLPYMSIANANYKGKGRAPNALNAIIGNRDSVKTMPHNIVTT
;
A
2 'polypeptide(L)'
;RVLQLKLGNSAIVTQEAANYCCAYGEWPNYLPDHEAVAIDKPTQPETATDRFYTLRSVKWEAGSTGWWWKLPDALNNIGM
FGQNVQHHYLYRSGFLIHVQCNATKFHQGALLVVAIPEHQRGAHNTNTSPGFDDIMKGEEGGTFNHPYVLDDGTSLACAT
IFPHQWINLRTNNSATIVLPWMNAAPMDFPLRHNQWTLAIIPVVPLGTRTMSSMVPITVSIAPMCCEFNGLRHAITQ
;
B
3 'polypeptide(L)'
;GVPTYLLPGSGQFLTTDDHSSAPVLPCFNPTPEMHIPGQVRNMLEVVQVESMMEINNTESAVGMERLKVDISALTDVDQL
LFNIPLDIQLDGPLRNTLVGNISRYYTHWSGSLEMTFMFCGSFMATGKLILCYTPPGGSCPTTRETAMLGTHVVWDFGLQ
SSVTLIIPWISGSHYRMFNNDAKSTNANVGYVTCFMQTNLIVPSESSDTCSLIGFIAAKDDFSLRLMRDSPDIGQLDHLH
AAEAAYQ
;
C
4 'polypeptide(L)' QINFYKDSYAASASKQDFSQDPSKFTEPVV D
#
# COMPACT_ATOMS: atom_id res chain seq x y z
N ILE A 1 -19.47 1.81 -11.13
CA ILE A 1 -20.31 3.03 -11.12
C ILE A 1 -20.48 3.50 -9.67
N GLU A 2 -20.29 4.78 -9.41
CA GLU A 2 -20.33 5.34 -8.05
C GLU A 2 -21.73 5.33 -7.42
N SER A 3 -21.82 4.95 -6.14
CA SER A 3 -23.08 4.91 -5.37
C SER A 3 -22.85 5.11 -3.87
N ILE A 4 -23.91 5.41 -3.12
CA ILE A 4 -23.87 5.62 -1.67
C ILE A 4 -24.15 4.31 -0.96
N ILE A 5 -23.26 3.90 -0.05
CA ILE A 5 -23.34 2.60 0.65
C ILE A 5 -23.20 2.82 2.16
N LYS A 6 -24.28 2.62 2.92
CA LYS A 6 -24.31 2.81 4.39
C LYS A 6 -24.31 1.50 5.19
N THR A 7 -24.64 0.36 4.58
CA THR A 7 -24.64 -0.95 5.22
C THR A 7 -24.11 -2.03 4.28
N ALA A 8 -23.67 -3.17 4.83
CA ALA A 8 -23.31 -4.35 4.05
C ALA A 8 -24.52 -4.89 3.24
N THR A 9 -24.27 -5.56 2.12
CA THR A 9 -25.30 -6.00 1.17
C THR A 9 -26.17 -7.17 1.67
N ASP A 10 -27.44 -7.22 1.27
CA ASP A 10 -28.38 -8.32 1.54
C ASP A 10 -28.05 -9.60 0.74
N THR A 11 -28.63 -10.74 1.14
CA THR A 11 -28.55 -12.02 0.40
C THR A 11 -29.95 -12.46 -0.03
N VAL A 12 -30.08 -13.04 -1.22
CA VAL A 12 -31.37 -13.46 -1.80
C VAL A 12 -31.46 -14.99 -1.86
N LYS A 13 -32.66 -15.55 -1.67
CA LYS A 13 -32.96 -16.98 -1.83
C LYS A 13 -32.57 -17.50 -3.23
N SER A 14 -32.09 -18.74 -3.33
CA SER A 14 -31.71 -19.34 -4.63
C SER A 14 -31.97 -20.84 -4.72
N GLU A 15 -32.19 -21.33 -5.95
CA GLU A 15 -32.66 -22.68 -6.28
C GLU A 15 -31.57 -23.56 -6.94
N ILE A 16 -31.91 -24.79 -7.33
CA ILE A 16 -31.08 -25.68 -8.16
C ILE A 16 -30.77 -25.03 -9.52
N ASN A 17 -29.54 -25.21 -10.03
CA ASN A 17 -29.17 -24.85 -11.40
C ASN A 17 -28.57 -26.06 -12.14
N ALA A 18 -28.95 -26.19 -13.41
CA ALA A 18 -28.38 -27.13 -14.37
C ALA A 18 -28.61 -26.56 -15.78
N GLU A 19 -27.70 -25.71 -16.25
CA GLU A 19 -27.87 -24.95 -17.50
C GLU A 19 -26.61 -24.99 -18.38
N LEU A 20 -26.77 -25.34 -19.66
CA LEU A 20 -25.69 -25.39 -20.63
C LEU A 20 -25.22 -23.98 -21.04
N GLY A 21 -23.93 -23.80 -21.23
CA GLY A 21 -23.30 -22.53 -21.64
C GLY A 21 -23.11 -21.50 -20.53
N VAL A 22 -23.52 -21.81 -19.29
CA VAL A 22 -23.42 -20.93 -18.12
C VAL A 22 -22.53 -21.56 -17.05
N VAL A 23 -21.45 -20.86 -16.63
CA VAL A 23 -20.44 -21.35 -15.66
C VAL A 23 -19.96 -20.23 -14.74
N PRO A 24 -20.78 -19.74 -13.80
CA PRO A 24 -20.43 -18.60 -12.95
C PRO A 24 -19.25 -18.85 -11.98
N SER A 25 -18.87 -20.09 -11.69
CA SER A 25 -17.69 -20.39 -10.83
C SER A 25 -16.34 -20.35 -11.57
N LEU A 26 -16.32 -20.36 -12.90
CA LEU A 26 -15.08 -20.23 -13.69
C LEU A 26 -14.75 -18.76 -13.98
N ASN A 27 -13.47 -18.42 -13.97
CA ASN A 27 -12.97 -17.05 -14.10
C ASN A 27 -11.66 -16.99 -14.92
N ALA A 28 -11.28 -15.80 -15.38
CA ALA A 28 -10.04 -15.54 -16.13
C ALA A 28 -9.15 -14.51 -15.40
N VAL A 29 -8.35 -14.99 -14.45
CA VAL A 29 -7.45 -14.17 -13.62
C VAL A 29 -6.45 -13.36 -14.45
N GLU A 30 -6.03 -13.86 -15.62
CA GLU A 30 -5.05 -13.20 -16.47
C GLU A 30 -5.46 -11.80 -16.95
N THR A 31 -6.77 -11.52 -17.01
CA THR A 31 -7.31 -10.20 -17.39
C THR A 31 -6.95 -9.09 -16.40
N GLY A 32 -6.63 -9.42 -15.15
CA GLY A 32 -6.39 -8.49 -14.06
C GLY A 32 -7.65 -8.08 -13.26
N ALA A 33 -8.84 -8.48 -13.69
CA ALA A 33 -10.08 -8.29 -12.93
C ALA A 33 -10.22 -9.32 -11.80
N THR A 34 -10.82 -8.92 -10.68
CA THR A 34 -11.19 -9.81 -9.56
C THR A 34 -12.44 -10.65 -9.91
N SER A 35 -12.54 -11.87 -9.38
CA SER A 35 -13.67 -12.79 -9.56
C SER A 35 -15.02 -12.15 -9.23
N ASN A 36 -16.01 -12.31 -10.12
CA ASN A 36 -17.37 -11.80 -9.94
C ASN A 36 -18.40 -12.88 -9.54
N THR A 37 -17.97 -14.07 -9.14
CA THR A 37 -18.85 -15.15 -8.66
C THR A 37 -19.58 -14.71 -7.37
N GLU A 38 -20.90 -14.84 -7.32
CA GLU A 38 -21.71 -14.50 -6.13
C GLU A 38 -22.14 -15.74 -5.32
N PRO A 39 -22.35 -15.65 -3.99
CA PRO A 39 -22.77 -16.77 -3.15
C PRO A 39 -24.00 -17.53 -3.67
N GLU A 40 -25.03 -16.82 -4.17
CA GLU A 40 -26.23 -17.41 -4.76
C GLU A 40 -25.96 -18.28 -6.00
N GLU A 41 -24.84 -18.07 -6.68
CA GLU A 41 -24.40 -18.84 -7.84
C GLU A 41 -23.55 -20.06 -7.44
N ALA A 42 -22.93 -20.04 -6.27
CA ALA A 42 -22.05 -21.10 -5.77
C ALA A 42 -22.77 -22.17 -4.92
N ILE A 43 -23.77 -21.78 -4.11
CA ILE A 43 -24.54 -22.65 -3.20
C ILE A 43 -26.03 -22.26 -3.19
N GLN A 44 -26.91 -23.10 -2.65
CA GLN A 44 -28.26 -22.65 -2.29
C GLN A 44 -28.25 -21.78 -1.03
N THR A 45 -28.94 -20.65 -1.09
CA THR A 45 -29.00 -19.61 -0.05
C THR A 45 -30.42 -19.37 0.45
N ARG A 46 -30.57 -18.88 1.69
CA ARG A 46 -31.81 -18.24 2.16
C ARG A 46 -31.80 -16.73 1.89
N THR A 47 -32.94 -16.06 2.03
CA THR A 47 -32.98 -14.59 2.13
C THR A 47 -32.44 -14.12 3.49
N VAL A 48 -31.58 -13.12 3.50
CA VAL A 48 -31.08 -12.43 4.71
C VAL A 48 -31.11 -10.93 4.50
N ILE A 49 -31.69 -10.18 5.44
CA ILE A 49 -31.69 -8.72 5.44
C ILE A 49 -30.57 -8.25 6.36
N ASN A 50 -29.61 -7.48 5.83
CA ASN A 50 -28.35 -7.20 6.52
C ASN A 50 -28.31 -5.77 7.07
N GLN A 51 -28.10 -5.62 8.38
CA GLN A 51 -28.12 -4.33 9.08
C GLN A 51 -26.75 -3.85 9.56
N HIS A 52 -25.65 -4.53 9.20
CA HIS A 52 -24.30 -4.14 9.62
C HIS A 52 -23.85 -2.82 8.96
N GLY A 53 -23.44 -1.85 9.76
CA GLY A 53 -22.89 -0.57 9.29
C GLY A 53 -21.45 -0.68 8.77
N VAL A 54 -21.02 0.31 8.00
CA VAL A 54 -19.68 0.36 7.36
C VAL A 54 -18.87 1.62 7.71
N SER A 55 -19.32 2.41 8.68
CA SER A 55 -18.71 3.72 8.98
C SER A 55 -17.35 3.65 9.71
N GLU A 56 -17.03 2.61 10.49
CA GLU A 56 -15.75 2.58 11.22
C GLU A 56 -14.53 2.40 10.28
N THR A 57 -14.74 1.95 9.04
CA THR A 57 -13.73 1.82 7.98
C THR A 57 -13.71 2.97 6.97
N LEU A 58 -14.44 4.07 7.20
CA LEU A 58 -14.25 5.31 6.42
C LEU A 58 -12.82 5.82 6.57
N VAL A 59 -12.23 6.39 5.51
CA VAL A 59 -10.83 6.86 5.54
C VAL A 59 -10.61 7.97 6.58
N GLU A 60 -11.55 8.91 6.76
CA GLU A 60 -11.44 9.93 7.81
C GLU A 60 -11.38 9.29 9.20
N ASN A 61 -12.20 8.28 9.48
CA ASN A 61 -12.15 7.56 10.76
C ASN A 61 -10.89 6.71 10.94
N PHE A 62 -10.41 6.05 9.89
CA PHE A 62 -9.21 5.22 9.94
C PHE A 62 -7.94 6.02 10.25
N LEU A 63 -7.76 7.21 9.64
CA LEU A 63 -6.58 8.05 9.82
C LEU A 63 -6.72 9.13 10.93
N SER A 64 -7.91 9.66 11.22
CA SER A 64 -8.08 10.77 12.16
C SER A 64 -8.12 10.35 13.63
N ARG A 65 -6.97 9.91 14.16
CA ARG A 65 -6.70 9.66 15.59
C ARG A 65 -5.36 10.29 15.97
N ALA A 66 -5.27 10.94 17.13
CA ALA A 66 -4.03 11.59 17.54
C ALA A 66 -2.92 10.56 17.86
N ALA A 67 -1.76 10.71 17.23
CA ALA A 67 -0.61 9.81 17.38
C ALA A 67 0.66 10.56 17.74
N LEU A 68 1.55 9.95 18.53
CA LEU A 68 2.83 10.54 18.94
C LEU A 68 3.77 10.72 17.74
N VAL A 69 4.33 11.91 17.55
CA VAL A 69 5.30 12.21 16.47
C VAL A 69 6.66 12.67 16.96
N SER A 70 6.76 13.23 18.18
CA SER A 70 8.03 13.67 18.76
C SER A 70 8.02 13.52 20.28
N LYS A 71 9.18 13.18 20.84
CA LYS A 71 9.44 13.06 22.27
C LYS A 71 10.89 13.52 22.53
N ARG A 72 11.08 14.59 23.28
CA ARG A 72 12.40 15.16 23.59
C ARG A 72 12.52 15.48 25.08
N SER A 73 13.65 15.11 25.69
CA SER A 73 13.99 15.44 27.08
C SER A 73 15.23 16.33 27.13
N PHE A 74 15.24 17.32 28.00
CA PHE A 74 16.39 18.21 28.22
C PHE A 74 16.46 18.69 29.67
N GLU A 75 17.65 19.08 30.12
CA GLU A 75 17.85 19.60 31.47
C GLU A 75 17.61 21.11 31.54
N TYR A 76 16.75 21.54 32.45
CA TYR A 76 16.50 22.94 32.81
C TYR A 76 17.41 23.33 33.98
N LYS A 77 18.47 24.09 33.69
CA LYS A 77 19.52 24.49 34.65
C LYS A 77 20.39 25.62 34.11
N ASP A 78 21.35 26.09 34.91
CA ASP A 78 22.47 26.90 34.43
C ASP A 78 23.36 26.07 33.49
N HIS A 79 23.46 26.46 32.21
CA HIS A 79 24.23 25.78 31.17
C HIS A 79 25.60 26.41 30.86
N THR A 80 26.12 27.29 31.72
CA THR A 80 27.37 28.04 31.45
C THR A 80 28.57 27.16 31.07
N SER A 81 28.68 25.95 31.61
CA SER A 81 29.78 25.01 31.33
C SER A 81 29.45 23.86 30.35
N SER A 82 28.23 23.76 29.83
CA SER A 82 27.79 22.62 29.00
C SER A 82 28.43 22.58 27.60
N ALA A 83 28.71 21.38 27.09
CA ALA A 83 29.24 21.14 25.74
C ALA A 83 28.26 21.52 24.62
N ALA A 84 28.78 21.86 23.44
CA ALA A 84 28.05 22.46 22.32
C ALA A 84 26.91 21.61 21.73
N GLN A 85 26.93 20.29 21.93
CA GLN A 85 25.87 19.37 21.49
C GLN A 85 24.60 19.40 22.36
N THR A 86 24.62 20.11 23.49
CA THR A 86 23.54 20.11 24.49
C THR A 86 22.34 20.97 24.07
N ASP A 87 21.12 20.54 24.39
CA ASP A 87 19.91 21.36 24.32
C ASP A 87 19.84 22.31 25.55
N LYS A 88 20.42 23.52 25.43
CA LYS A 88 20.63 24.47 26.54
C LYS A 88 19.36 25.26 26.90
N ASN A 89 18.40 24.63 27.58
CA ASN A 89 17.05 25.17 27.91
C ASN A 89 16.13 25.44 26.71
N PHE A 90 16.50 25.02 25.50
CA PHE A 90 15.67 25.07 24.30
C PHE A 90 16.06 23.97 23.30
N PHE A 91 15.18 23.64 22.36
CA PHE A 91 15.46 22.75 21.23
C PHE A 91 14.71 23.18 19.96
N LYS A 92 15.16 22.67 18.81
CA LYS A 92 14.51 22.80 17.50
C LYS A 92 14.19 21.41 16.97
N TRP A 93 13.04 21.22 16.32
CA TRP A 93 12.66 19.97 15.66
C TRP A 93 12.08 20.21 14.27
N THR A 94 12.54 19.48 13.25
CA THR A 94 11.94 19.49 11.91
C THR A 94 10.77 18.50 11.85
N ILE A 95 9.56 19.01 11.63
CA ILE A 95 8.32 18.23 11.71
C ILE A 95 8.32 17.12 10.66
N ASN A 96 8.14 15.86 11.10
CA ASN A 96 8.03 14.69 10.23
C ASN A 96 7.09 13.63 10.83
N THR A 97 6.55 12.76 10.00
CA THR A 97 5.66 11.66 10.40
C THR A 97 6.35 10.28 10.28
N ARG A 98 7.68 10.23 10.24
CA ARG A 98 8.46 9.01 9.96
C ARG A 98 9.17 8.36 11.16
N SER A 99 9.20 9.01 12.33
CA SER A 99 10.04 8.58 13.46
C SER A 99 9.43 7.49 14.34
N PHE A 100 8.09 7.41 14.42
CA PHE A 100 7.34 6.44 15.20
C PHE A 100 6.50 5.55 14.28
N VAL A 101 6.68 4.22 14.36
CA VAL A 101 6.28 3.32 13.26
C VAL A 101 4.78 3.11 13.09
N GLN A 102 3.94 3.24 14.13
CA GLN A 102 2.50 2.99 13.96
C GLN A 102 1.81 4.05 13.09
N LEU A 103 2.16 5.33 13.22
CA LEU A 103 1.66 6.36 12.29
C LEU A 103 2.28 6.20 10.89
N ARG A 104 3.60 5.96 10.80
CA ARG A 104 4.30 5.80 9.51
C ARG A 104 3.66 4.72 8.64
N ARG A 105 3.45 3.51 9.18
CA ARG A 105 2.86 2.40 8.41
C ARG A 105 1.45 2.69 7.91
N LYS A 106 0.61 3.37 8.70
CA LYS A 106 -0.75 3.76 8.28
C LYS A 106 -0.75 4.79 7.15
N LEU A 107 0.08 5.83 7.22
CA LEU A 107 0.16 6.83 6.14
C LEU A 107 0.71 6.23 4.85
N GLU A 108 1.71 5.35 4.95
CA GLU A 108 2.31 4.64 3.82
C GLU A 108 1.39 3.60 3.13
N LEU A 109 0.14 3.42 3.56
CA LEU A 109 -0.86 2.67 2.78
C LEU A 109 -1.33 3.42 1.52
N PHE A 110 -1.01 4.71 1.36
CA PHE A 110 -1.47 5.56 0.26
C PHE A 110 -0.32 6.24 -0.47
N THR A 111 -0.49 6.61 -1.74
CA THR A 111 0.56 7.29 -2.51
C THR A 111 0.53 8.81 -2.33
N TYR A 112 -0.66 9.42 -2.33
CA TYR A 112 -0.85 10.85 -2.12
C TYR A 112 -1.90 11.10 -1.04
N LEU A 113 -1.69 12.13 -0.21
CA LEU A 113 -2.59 12.53 0.87
C LEU A 113 -2.77 14.05 0.93
N ARG A 114 -4.00 14.53 1.18
CA ARG A 114 -4.29 15.94 1.48
C ARG A 114 -5.01 16.03 2.82
N PHE A 115 -4.47 16.76 3.80
CA PHE A 115 -5.11 16.95 5.12
C PHE A 115 -4.63 18.23 5.82
N ASP A 116 -5.45 18.76 6.72
CA ASP A 116 -5.03 19.72 7.75
C ASP A 116 -4.53 18.95 8.99
N ALA A 117 -3.60 19.50 9.75
CA ALA A 117 -2.99 18.82 10.89
C ALA A 117 -3.29 19.53 12.22
N GLU A 118 -3.95 18.85 13.14
CA GLU A 118 -4.19 19.34 14.51
C GLU A 118 -3.06 18.88 15.42
N ILE A 119 -2.34 19.81 16.04
CA ILE A 119 -1.14 19.59 16.85
C ILE A 119 -1.47 19.78 18.33
N THR A 120 -1.08 18.83 19.19
CA THR A 120 -1.24 18.92 20.64
C THR A 120 0.10 18.71 21.34
N ILE A 121 0.47 19.57 22.30
CA ILE A 121 1.77 19.55 22.99
C ILE A 121 1.58 19.26 24.49
N LEU A 122 2.20 18.20 24.97
CA LEU A 122 2.12 17.71 26.37
C LEU A 122 3.48 17.81 27.05
N THR A 123 3.56 18.41 28.24
CA THR A 123 4.82 18.64 28.97
C THR A 123 4.81 18.03 30.36
N THR A 124 5.95 17.48 30.81
CA THR A 124 6.14 16.93 32.17
C THR A 124 7.53 17.28 32.70
N VAL A 125 7.71 17.25 34.02
CA VAL A 125 8.95 17.65 34.70
C VAL A 125 9.26 16.74 35.90
N ALA A 126 10.54 16.58 36.23
CA ALA A 126 11.04 15.88 37.41
C ALA A 126 12.30 16.54 37.97
N VAL A 127 12.54 16.41 39.28
CA VAL A 127 13.77 16.91 39.94
C VAL A 127 14.96 16.02 39.56
N ASN A 128 16.13 16.59 39.29
CA ASN A 128 17.33 15.79 38.99
C ASN A 128 17.82 15.02 40.23
N GLY A 129 18.07 13.72 40.07
CA GLY A 129 18.34 12.78 41.17
C GLY A 129 19.81 12.65 41.58
N SER A 130 20.59 13.74 41.57
CA SER A 130 21.97 13.71 42.09
C SER A 130 21.99 13.53 43.61
N SER A 131 23.08 12.98 44.16
CA SER A 131 23.19 12.64 45.58
C SER A 131 23.13 13.86 46.53
N ASN A 132 23.37 15.07 46.02
CA ASN A 132 23.20 16.32 46.75
C ASN A 132 21.73 16.78 46.89
N ASN A 133 20.79 16.19 46.12
CA ASN A 133 19.40 16.65 46.05
C ASN A 133 18.44 15.77 46.86
N THR A 134 17.64 16.42 47.71
CA THR A 134 16.33 15.90 48.13
C THR A 134 15.29 16.18 47.04
N TYR A 135 14.07 15.65 47.18
CA TYR A 135 12.91 16.27 46.52
C TYR A 135 12.60 17.63 47.15
N VAL A 136 11.95 18.52 46.40
CA VAL A 136 11.74 19.94 46.75
C VAL A 136 10.41 20.55 46.26
N GLY A 137 9.54 19.77 45.60
CA GLY A 137 8.39 20.29 44.85
C GLY A 137 8.71 20.60 43.39
N LEU A 138 7.69 20.71 42.53
CA LEU A 138 7.83 20.92 41.08
C LEU A 138 7.34 22.31 40.66
N PRO A 139 8.11 23.09 39.86
CA PRO A 139 7.72 24.43 39.42
C PRO A 139 6.65 24.41 38.31
N ASP A 140 5.77 25.42 38.29
CA ASP A 140 4.82 25.65 37.20
C ASP A 140 5.42 26.60 36.14
N LEU A 141 6.26 26.07 35.26
CA LEU A 141 7.00 26.83 34.26
C LEU A 141 6.13 27.31 33.10
N THR A 142 6.56 28.39 32.43
CA THR A 142 5.99 28.84 31.15
C THR A 142 6.91 28.43 30.00
N LEU A 143 6.34 27.85 28.94
CA LEU A 143 7.04 27.46 27.72
C LEU A 143 6.54 28.29 26.53
N GLN A 144 7.42 28.53 25.56
CA GLN A 144 7.10 29.12 24.27
C GLN A 144 7.42 28.13 23.15
N ALA A 145 6.46 27.88 22.27
CA ALA A 145 6.68 27.14 21.02
C ALA A 145 6.41 28.06 19.82
N MET A 146 7.42 28.25 18.97
CA MET A 146 7.39 29.11 17.78
C MET A 146 7.45 28.28 16.50
N PHE A 147 6.55 28.53 15.55
CA PHE A 147 6.53 27.85 14.26
C PHE A 147 7.38 28.61 13.23
N VAL A 148 8.33 27.93 12.61
CA VAL A 148 9.30 28.54 11.67
C VAL A 148 9.28 27.77 10.34
N PRO A 149 9.12 28.41 9.17
CA PRO A 149 9.13 27.72 7.89
C PRO A 149 10.43 26.95 7.59
N THR A 150 10.33 25.94 6.72
CA THR A 150 11.45 25.09 6.30
C THR A 150 12.63 25.92 5.78
N GLY A 151 13.80 25.77 6.40
CA GLY A 151 15.04 26.45 6.02
C GLY A 151 15.20 27.90 6.50
N ALA A 152 14.21 28.52 7.16
CA ALA A 152 14.33 29.87 7.71
C ALA A 152 15.21 29.92 8.99
N LEU A 153 15.59 31.13 9.43
CA LEU A 153 16.43 31.35 10.62
C LEU A 153 15.75 30.88 11.91
N THR A 154 16.50 30.21 12.78
CA THR A 154 16.03 29.73 14.11
C THR A 154 16.91 30.29 15.23
N PRO A 155 16.37 30.49 16.45
CA PRO A 155 17.13 31.00 17.59
C PRO A 155 18.41 30.22 17.92
N GLU A 156 19.49 30.92 18.31
CA GLU A 156 20.77 30.31 18.69
C GLU A 156 20.93 30.05 20.20
N LYS A 157 20.10 30.66 21.05
CA LYS A 157 20.17 30.57 22.52
C LYS A 157 18.82 30.89 23.19
N GLN A 158 18.67 30.52 24.46
CA GLN A 158 17.40 30.67 25.21
C GLN A 158 16.87 32.11 25.27
N ASP A 159 17.75 33.11 25.31
CA ASP A 159 17.40 34.54 25.43
C ASP A 159 17.73 35.36 24.17
N SER A 160 17.81 34.74 22.99
CA SER A 160 18.00 35.44 21.71
C SER A 160 16.88 36.47 21.44
N PHE A 161 17.22 37.57 20.78
CA PHE A 161 16.23 38.51 20.24
C PHE A 161 15.34 37.91 19.13
N HIS A 162 15.69 36.75 18.54
CA HIS A 162 14.83 36.02 17.61
C HIS A 162 13.49 35.57 18.22
N TRP A 163 13.39 35.40 19.54
CA TRP A 163 12.15 35.00 20.19
C TRP A 163 11.07 36.11 20.24
N GLN A 164 11.36 37.33 19.76
CA GLN A 164 10.39 38.44 19.73
C GLN A 164 9.18 38.19 18.81
N SER A 165 9.27 37.26 17.86
CA SER A 165 8.15 36.67 17.10
C SER A 165 7.24 37.69 16.37
N GLY A 166 7.83 38.66 15.67
CA GLY A 166 7.09 39.80 15.10
C GLY A 166 6.09 39.45 13.99
N SER A 167 6.29 38.35 13.26
CA SER A 167 5.40 37.83 12.22
C SER A 167 5.22 36.30 12.28
N ASN A 168 6.19 35.55 12.78
CA ASN A 168 6.03 34.14 13.12
C ASN A 168 4.91 33.94 14.16
N ALA A 169 4.17 32.84 14.07
CA ALA A 169 3.24 32.44 15.12
C ALA A 169 3.97 31.80 16.30
N SER A 170 3.66 32.26 17.53
CA SER A 170 4.12 31.65 18.79
C SER A 170 2.92 31.30 19.67
N VAL A 171 3.02 30.20 20.41
CA VAL A 171 2.10 29.86 21.50
C VAL A 171 2.85 29.79 22.83
N PHE A 172 2.31 30.47 23.85
CA PHE A 172 2.79 30.46 25.23
C PHE A 172 1.82 29.68 26.12
N PHE A 173 2.32 28.76 26.94
CA PHE A 173 1.50 27.89 27.78
C PHE A 173 2.23 27.50 29.08
N LYS A 174 1.47 27.20 30.16
CA LYS A 174 2.01 26.75 31.45
C LYS A 174 1.89 25.25 31.64
N ILE A 175 2.75 24.66 32.45
CA ILE A 175 2.70 23.22 32.79
C ILE A 175 1.39 22.83 33.51
N SER A 176 0.81 23.70 34.34
CA SER A 176 -0.48 23.46 35.01
C SER A 176 -1.72 23.57 34.10
N ASP A 177 -1.64 24.11 32.89
CA ASP A 177 -2.76 24.14 31.95
C ASP A 177 -3.12 22.73 31.42
N PRO A 178 -4.31 22.54 30.82
CA PRO A 178 -4.49 21.49 29.81
C PRO A 178 -3.43 21.58 28.70
N PRO A 179 -3.14 20.50 27.95
CA PRO A 179 -2.17 20.52 26.84
C PRO A 179 -2.45 21.65 25.84
N ALA A 180 -1.42 22.31 25.30
CA ALA A 180 -1.60 23.31 24.25
C ALA A 180 -2.06 22.68 22.93
N ARG A 181 -2.90 23.36 22.15
CA ARG A 181 -3.44 22.84 20.88
C ARG A 181 -3.64 23.92 19.82
N MET A 182 -3.35 23.61 18.56
CA MET A 182 -3.65 24.46 17.39
C MET A 182 -3.72 23.66 16.08
N THR A 183 -4.35 24.20 15.04
CA THR A 183 -4.42 23.56 13.70
C THR A 183 -3.51 24.26 12.70
N ILE A 184 -2.70 23.47 11.99
CA ILE A 184 -1.91 23.91 10.83
C ILE A 184 -2.66 23.49 9.56
N PRO A 185 -2.87 24.40 8.58
CA PRO A 185 -3.59 24.08 7.35
C PRO A 185 -2.81 23.14 6.42
N PHE A 186 -3.45 22.57 5.41
CA PHE A 186 -2.74 21.95 4.28
C PHE A 186 -1.85 22.98 3.55
N MET A 187 -0.52 22.85 3.65
CA MET A 187 0.45 23.88 3.22
C MET A 187 1.24 23.56 1.95
N CYS A 188 1.02 22.42 1.29
CA CYS A 188 1.83 22.03 0.13
C CYS A 188 1.73 23.03 -1.05
N ILE A 189 2.78 23.19 -1.84
CA ILE A 189 2.74 23.92 -3.12
C ILE A 189 2.01 23.16 -4.25
N ASN A 190 1.78 21.86 -4.07
CA ASN A 190 0.99 20.99 -4.95
C ASN A 190 -0.41 20.74 -4.39
N SER A 191 -1.29 20.08 -5.14
CA SER A 191 -2.66 19.77 -4.69
C SER A 191 -2.77 18.67 -3.63
N ALA A 192 -1.72 17.87 -3.42
CA ALA A 192 -1.60 16.85 -2.37
C ALA A 192 -0.14 16.69 -1.91
N TYR A 193 0.10 16.16 -0.71
CA TYR A 193 1.43 15.68 -0.30
C TYR A 193 1.78 14.38 -1.04
N SER A 194 3.05 14.20 -1.38
CA SER A 194 3.58 12.91 -1.86
C SER A 194 4.09 12.08 -0.69
N VAL A 195 3.48 10.93 -0.41
CA VAL A 195 3.93 10.04 0.67
C VAL A 195 5.22 9.30 0.26
N PHE A 196 5.33 8.95 -1.02
CA PHE A 196 6.52 8.40 -1.67
C PHE A 196 6.91 9.29 -2.85
N TYR A 197 8.20 9.40 -3.16
CA TYR A 197 8.68 10.28 -4.23
C TYR A 197 9.83 9.64 -5.02
N ASP A 198 9.58 9.18 -6.24
CA ASP A 198 10.60 8.50 -7.05
C ASP A 198 11.46 9.49 -7.86
N GLY A 199 12.27 10.29 -7.18
CA GLY A 199 13.07 11.34 -7.80
C GLY A 199 14.07 12.04 -6.88
N PHE A 200 14.71 13.08 -7.43
CA PHE A 200 15.76 13.88 -6.80
C PHE A 200 15.34 15.36 -6.67
N ALA A 201 15.72 16.01 -5.58
CA ALA A 201 15.19 17.33 -5.19
C ALA A 201 15.76 18.55 -5.96
N GLY A 202 16.83 18.39 -6.73
CA GLY A 202 17.59 19.49 -7.34
C GLY A 202 18.07 19.24 -8.76
N PHE A 203 18.54 20.30 -9.43
CA PHE A 203 18.99 20.22 -10.82
C PHE A 203 20.34 19.52 -11.02
N GLU A 204 21.22 19.51 -10.02
CA GLU A 204 22.46 18.72 -10.05
C GLU A 204 22.25 17.26 -9.61
N LYS A 205 23.14 16.35 -10.01
CA LYS A 205 23.00 14.89 -9.76
C LYS A 205 23.30 14.46 -8.32
N SER A 206 23.91 15.31 -7.51
CA SER A 206 24.38 14.98 -6.14
C SER A 206 23.32 15.11 -5.03
N GLY A 207 22.08 15.49 -5.35
CA GLY A 207 21.00 15.64 -4.38
C GLY A 207 20.51 14.34 -3.73
N LEU A 208 19.67 14.45 -2.70
CA LEU A 208 19.07 13.31 -2.00
C LEU A 208 17.99 12.62 -2.84
N TYR A 209 18.01 11.29 -2.90
CA TYR A 209 16.92 10.49 -3.46
C TYR A 209 15.76 10.38 -2.49
N GLY A 210 14.52 10.41 -2.97
CA GLY A 210 13.33 10.06 -2.19
C GLY A 210 12.83 11.13 -1.22
N ILE A 211 13.45 12.31 -1.21
CA ILE A 211 13.12 13.44 -0.35
C ILE A 211 12.65 14.60 -1.22
N ASN A 212 11.53 15.22 -0.85
CA ASN A 212 10.90 16.30 -1.59
C ASN A 212 10.52 17.42 -0.61
N PRO A 213 11.31 18.51 -0.49
CA PRO A 213 11.13 19.54 0.53
C PRO A 213 9.74 20.19 0.58
N ALA A 214 9.01 20.20 -0.54
CA ALA A 214 7.63 20.66 -0.60
C ALA A 214 6.66 19.91 0.34
N ASP A 215 6.97 18.66 0.72
CA ASP A 215 6.17 17.88 1.66
C ASP A 215 6.52 18.11 3.15
N THR A 216 7.61 18.83 3.46
CA THR A 216 8.00 19.14 4.85
C THR A 216 7.14 20.28 5.43
N ILE A 217 6.41 20.02 6.51
CA ILE A 217 5.48 20.99 7.13
C ILE A 217 6.21 22.22 7.68
N GLY A 218 7.35 22.05 8.35
CA GLY A 218 8.15 23.16 8.89
C GLY A 218 9.01 22.76 10.09
N ASN A 219 9.50 23.75 10.83
CA ASN A 219 10.23 23.58 12.09
C ASN A 219 9.41 24.07 13.28
N LEU A 220 9.55 23.39 14.41
CA LEU A 220 9.03 23.82 15.71
C LEU A 220 10.21 24.15 16.65
N CYS A 221 10.27 25.37 17.18
CA CYS A 221 11.30 25.81 18.11
C CYS A 221 10.68 25.99 19.50
N VAL A 222 11.24 25.34 20.52
CA VAL A 222 10.65 25.30 21.88
C VAL A 222 11.66 25.74 22.92
N ARG A 223 11.27 26.64 23.84
CA ARG A 223 12.09 27.04 25.01
C ARG A 223 11.28 27.12 26.29
N ILE A 224 11.97 27.04 27.43
CA ILE A 224 11.48 27.51 28.71
C ILE A 224 11.67 29.03 28.78
N VAL A 225 10.63 29.78 29.17
CA VAL A 225 10.67 31.26 29.22
C VAL A 225 11.29 31.77 30.52
N ASN A 226 11.09 31.07 31.64
CA ASN A 226 11.72 31.40 32.92
C ASN A 226 13.26 31.33 32.86
N GLU A 227 13.94 32.19 33.62
CA GLU A 227 15.37 32.01 33.94
C GLU A 227 15.61 30.72 34.75
N HIS A 228 16.84 30.20 34.79
CA HIS A 228 17.15 28.99 35.58
C HIS A 228 17.00 29.21 37.10
N GLN A 229 16.54 28.18 37.81
CA GLN A 229 16.49 28.14 39.27
C GLN A 229 17.87 27.75 39.86
N PRO A 230 18.08 27.85 41.19
CA PRO A 230 19.30 27.37 41.85
C PRO A 230 19.57 25.86 41.74
N VAL A 231 18.59 25.04 41.37
CA VAL A 231 18.68 23.57 41.23
C VAL A 231 18.21 23.11 39.84
N GLY A 232 18.72 21.97 39.38
CA GLY A 232 18.39 21.40 38.07
C GLY A 232 17.13 20.53 38.05
N PHE A 233 16.41 20.56 36.92
CA PHE A 233 15.26 19.72 36.63
C PHE A 233 15.42 19.06 35.26
N THR A 234 14.71 17.96 35.01
CA THR A 234 14.59 17.37 33.67
C THR A 234 13.17 17.61 33.16
N VAL A 235 13.05 18.22 31.98
CA VAL A 235 11.78 18.52 31.31
C VAL A 235 11.63 17.62 30.08
N THR A 236 10.46 17.01 29.90
CA THR A 236 10.15 16.20 28.71
C THR A 236 8.94 16.76 27.98
N VAL A 237 9.07 16.96 26.67
CA VAL A 237 8.02 17.48 25.77
C VAL A 237 7.61 16.37 24.79
N ARG A 238 6.31 16.11 24.66
CA ARG A 238 5.71 15.19 23.68
C ARG A 238 4.78 15.94 22.72
N VAL A 239 4.92 15.68 21.43
CA VAL A 239 4.05 16.27 20.39
C VAL A 239 3.18 15.19 19.75
N TYR A 240 1.89 15.46 19.63
CA TYR A 240 0.91 14.59 18.98
C TYR A 240 0.32 15.28 17.75
N MET A 241 0.05 14.52 16.69
CA MET A 241 -0.60 15.00 15.48
C MET A 241 -1.87 14.19 15.18
N LYS A 242 -2.96 14.87 14.80
CA LYS A 242 -4.18 14.26 14.26
C LYS A 242 -4.51 14.87 12.87
N PRO A 243 -4.44 14.10 11.78
CA PRO A 243 -4.93 14.53 10.47
C PRO A 243 -6.45 14.75 10.46
N LYS A 244 -6.95 15.74 9.72
CA LYS A 244 -8.40 15.95 9.49
C LYS A 244 -8.69 16.55 8.12
N HIS A 245 -9.95 16.43 7.66
CA HIS A 245 -10.41 16.85 6.32
C HIS A 245 -9.66 16.13 5.18
N ILE A 246 -9.55 14.82 5.30
CA ILE A 246 -8.60 13.98 4.58
C ILE A 246 -9.12 13.60 3.18
N LYS A 247 -8.26 13.64 2.16
CA LYS A 247 -8.41 12.93 0.89
C LYS A 247 -7.19 12.06 0.60
N ALA A 248 -7.39 10.89 0.02
CA ALA A 248 -6.36 9.88 -0.21
C ALA A 248 -6.47 9.21 -1.59
N TRP A 249 -5.35 8.97 -2.25
CA TRP A 249 -5.28 8.37 -3.59
C TRP A 249 -4.27 7.23 -3.69
N ALA A 250 -4.58 6.27 -4.57
CA ALA A 250 -3.75 5.15 -4.99
C ALA A 250 -3.17 4.31 -3.82
N PRO A 251 -3.97 3.38 -3.27
CA PRO A 251 -3.53 2.50 -2.19
C PRO A 251 -2.38 1.58 -2.59
N ARG A 252 -1.57 1.14 -1.61
CA ARG A 252 -0.28 0.47 -1.81
C ARG A 252 -0.14 -0.80 -0.96
N PRO A 253 0.71 -1.77 -1.34
CA PRO A 253 1.12 -2.88 -0.48
C PRO A 253 1.67 -2.38 0.88
N PRO A 254 1.22 -2.90 2.02
CA PRO A 254 1.76 -2.57 3.33
C PRO A 254 3.25 -2.93 3.50
N ARG A 255 3.98 -2.20 4.35
CA ARG A 255 5.33 -2.57 4.82
C ARG A 255 5.30 -3.90 5.57
N THR A 256 6.23 -4.80 5.28
CA THR A 256 6.33 -6.11 5.96
C THR A 256 7.60 -6.24 6.81
N LEU A 257 8.77 -5.87 6.28
CA LEU A 257 10.04 -5.90 7.03
C LEU A 257 10.17 -4.67 7.95
N PRO A 258 10.86 -4.74 9.09
CA PRO A 258 11.10 -3.59 9.97
C PRO A 258 11.72 -2.38 9.24
N TYR A 259 11.39 -1.16 9.68
CA TYR A 259 12.05 0.06 9.23
C TYR A 259 13.48 0.18 9.78
N MET A 260 14.38 0.81 9.03
CA MET A 260 15.78 1.07 9.45
C MET A 260 16.09 2.54 9.74
N SER A 261 15.55 3.47 8.95
CA SER A 261 15.91 4.89 8.95
C SER A 261 14.71 5.78 8.66
N ILE A 262 14.72 7.04 9.09
CA ILE A 262 13.71 8.02 8.66
C ILE A 262 13.99 8.58 7.26
N ALA A 263 15.21 8.45 6.74
CA ALA A 263 15.62 9.06 5.48
C ALA A 263 15.14 8.32 4.22
N ASN A 264 14.89 7.00 4.31
CA ASN A 264 14.69 6.13 3.14
C ASN A 264 13.84 4.88 3.47
N ALA A 265 13.65 4.02 2.46
CA ALA A 265 12.87 2.77 2.52
C ALA A 265 13.73 1.51 2.73
N ASN A 266 15.00 1.62 3.13
CA ASN A 266 15.94 0.50 3.25
C ASN A 266 15.44 -0.62 4.18
N TYR A 267 15.92 -1.84 3.96
CA TYR A 267 15.42 -3.06 4.62
C TYR A 267 16.53 -4.07 4.95
N LYS A 268 16.23 -4.97 5.89
CA LYS A 268 17.11 -6.05 6.36
C LYS A 268 16.33 -7.30 6.78
N GLY A 269 15.21 -7.13 7.48
CA GLY A 269 14.36 -8.21 7.98
C GLY A 269 14.85 -8.82 9.31
N LYS A 270 13.98 -9.61 9.95
CA LYS A 270 14.32 -10.44 11.12
C LYS A 270 15.29 -11.57 10.73
N GLY A 271 15.98 -12.17 11.71
CA GLY A 271 16.90 -13.29 11.47
C GLY A 271 16.22 -14.62 11.10
N ARG A 272 14.97 -14.83 11.57
CA ARG A 272 14.12 -16.00 11.29
C ARG A 272 12.65 -15.55 11.17
N ALA A 273 11.82 -16.33 10.48
CA ALA A 273 10.41 -16.03 10.29
C ALA A 273 9.64 -15.94 11.63
N PRO A 274 8.58 -15.13 11.74
CA PRO A 274 7.99 -14.28 10.69
C PRO A 274 8.80 -13.01 10.40
N ASN A 275 8.48 -12.33 9.30
CA ASN A 275 9.09 -11.07 8.84
C ASN A 275 10.62 -11.14 8.59
N ALA A 276 11.13 -12.27 8.14
CA ALA A 276 12.48 -12.39 7.58
C ALA A 276 12.48 -12.12 6.06
N LEU A 277 13.63 -11.70 5.50
CA LEU A 277 13.74 -11.35 4.08
C LEU A 277 13.35 -12.50 3.13
N ASN A 278 13.64 -13.75 3.51
CA ASN A 278 13.30 -14.95 2.74
C ASN A 278 11.95 -15.60 3.13
N ALA A 279 11.28 -15.13 4.20
CA ALA A 279 10.08 -15.75 4.73
C ALA A 279 9.25 -14.79 5.62
N ILE A 280 8.13 -14.29 5.09
CA ILE A 280 7.26 -13.35 5.81
C ILE A 280 6.33 -14.05 6.82
N ILE A 281 5.75 -15.19 6.46
CA ILE A 281 4.86 -15.99 7.32
C ILE A 281 5.67 -17.05 8.09
N GLY A 282 5.33 -17.33 9.36
CA GLY A 282 5.94 -18.42 10.13
C GLY A 282 5.73 -19.82 9.51
N ASN A 283 6.69 -20.71 9.68
CA ASN A 283 6.68 -22.02 9.02
C ASN A 283 5.73 -23.05 9.66
N ARG A 284 5.34 -24.06 8.87
CA ARG A 284 4.73 -25.33 9.30
C ARG A 284 5.46 -26.51 8.64
N ASP A 285 5.30 -27.70 9.18
CA ASP A 285 6.09 -28.89 8.79
C ASP A 285 5.86 -29.36 7.35
N SER A 286 4.65 -29.19 6.80
CA SER A 286 4.29 -29.54 5.43
C SER A 286 3.01 -28.81 4.99
N VAL A 287 2.72 -28.77 3.68
CA VAL A 287 1.44 -28.22 3.17
C VAL A 287 0.20 -29.07 3.51
N LYS A 288 0.38 -30.24 4.13
CA LYS A 288 -0.68 -31.10 4.66
C LYS A 288 -0.88 -30.97 6.18
N THR A 289 -0.02 -30.26 6.89
CA THR A 289 -0.08 -30.09 8.35
C THR A 289 -1.03 -28.94 8.73
N MET A 290 -2.05 -29.22 9.54
CA MET A 290 -3.00 -28.22 10.04
C MET A 290 -2.54 -27.69 11.41
N PRO A 291 -2.17 -26.41 11.58
CA PRO A 291 -1.38 -25.96 12.73
C PRO A 291 -2.13 -25.87 14.07
N HIS A 292 -3.45 -25.59 14.08
CA HIS A 292 -4.28 -25.53 15.30
C HIS A 292 -5.40 -26.57 15.28
N ASN A 293 -5.11 -27.77 14.76
CA ASN A 293 -6.09 -28.85 14.58
C ASN A 293 -6.77 -29.22 15.92
N ILE A 294 -8.10 -29.24 15.94
CA ILE A 294 -8.88 -29.59 17.13
C ILE A 294 -8.77 -31.10 17.42
N VAL A 295 -8.50 -31.47 18.68
CA VAL A 295 -8.38 -32.87 19.11
C VAL A 295 -9.65 -33.30 19.86
N THR A 296 -10.23 -34.44 19.46
CA THR A 296 -11.45 -35.01 20.06
C THR A 296 -11.10 -36.19 20.99
N THR A 297 -11.67 -36.19 22.20
CA THR A 297 -11.35 -37.15 23.28
C THR A 297 -12.59 -37.68 24.01
N ARG B 1 -10.26 -11.73 -27.21
CA ARG B 1 -9.04 -12.51 -27.50
C ARG B 1 -8.16 -11.90 -28.61
N VAL B 2 -8.74 -11.34 -29.67
CA VAL B 2 -8.01 -10.73 -30.81
C VAL B 2 -8.03 -9.19 -30.71
N LEU B 3 -6.92 -8.50 -30.98
CA LEU B 3 -6.79 -7.04 -30.80
C LEU B 3 -5.85 -6.38 -31.82
N GLN B 4 -6.19 -5.16 -32.28
CA GLN B 4 -5.31 -4.28 -33.05
C GLN B 4 -5.21 -2.89 -32.40
N LEU B 5 -3.98 -2.40 -32.21
CA LEU B 5 -3.67 -1.04 -31.71
C LEU B 5 -3.01 -0.23 -32.84
N LYS B 6 -3.52 0.97 -33.14
CA LYS B 6 -2.99 1.85 -34.20
C LYS B 6 -2.74 3.28 -33.68
N LEU B 7 -1.48 3.72 -33.64
CA LEU B 7 -1.09 5.08 -33.24
C LEU B 7 -0.03 5.64 -34.20
N GLY B 8 -0.21 6.87 -34.70
CA GLY B 8 0.68 7.49 -35.67
C GLY B 8 0.89 6.63 -36.93
N ASN B 9 2.14 6.36 -37.27
CA ASN B 9 2.56 5.47 -38.35
C ASN B 9 2.84 4.01 -37.90
N SER B 10 2.37 3.60 -36.72
CA SER B 10 2.68 2.31 -36.10
C SER B 10 1.42 1.50 -35.78
N ALA B 11 1.47 0.18 -35.98
CA ALA B 11 0.39 -0.73 -35.64
C ALA B 11 0.89 -2.04 -35.01
N ILE B 12 0.11 -2.60 -34.09
CA ILE B 12 0.39 -3.88 -33.44
C ILE B 12 -0.85 -4.75 -33.53
N VAL B 13 -0.71 -6.02 -33.95
CA VAL B 13 -1.80 -7.01 -33.89
C VAL B 13 -1.43 -8.18 -32.99
N THR B 14 -2.40 -8.71 -32.25
CA THR B 14 -2.23 -9.90 -31.42
C THR B 14 -3.44 -10.83 -31.56
N GLN B 15 -3.20 -12.13 -31.65
CA GLN B 15 -4.23 -13.16 -31.80
C GLN B 15 -4.55 -13.87 -30.47
N GLU B 16 -3.82 -13.61 -29.39
CA GLU B 16 -4.00 -14.23 -28.06
C GLU B 16 -3.80 -13.25 -26.89
N ALA B 17 -4.59 -12.17 -26.89
CA ALA B 17 -4.73 -11.24 -25.76
C ALA B 17 -5.79 -11.70 -24.73
N ALA B 18 -5.82 -11.04 -23.57
CA ALA B 18 -6.82 -11.24 -22.52
C ALA B 18 -7.42 -9.90 -22.07
N ASN B 19 -8.38 -9.36 -22.85
CA ASN B 19 -8.93 -8.00 -22.67
C ASN B 19 -7.79 -6.94 -22.71
N TYR B 20 -7.96 -5.76 -22.13
CA TYR B 20 -6.85 -4.90 -21.71
C TYR B 20 -7.23 -4.01 -20.51
N CYS B 21 -6.24 -3.51 -19.79
CA CYS B 21 -6.42 -2.77 -18.55
C CYS B 21 -6.34 -1.24 -18.74
N CYS B 22 -7.29 -0.50 -18.18
CA CYS B 22 -7.20 0.96 -18.03
C CYS B 22 -6.97 1.29 -16.55
N ALA B 23 -5.82 1.88 -16.20
CA ALA B 23 -5.47 2.15 -14.81
C ALA B 23 -6.50 3.04 -14.11
N TYR B 24 -7.05 2.56 -12.99
CA TYR B 24 -8.08 3.24 -12.21
C TYR B 24 -9.35 3.63 -13.00
N GLY B 25 -9.61 2.96 -14.13
CA GLY B 25 -10.73 3.27 -15.03
C GLY B 25 -10.61 4.57 -15.82
N GLU B 26 -9.45 5.23 -15.81
CA GLU B 26 -9.21 6.49 -16.52
C GLU B 26 -8.72 6.29 -17.98
N TRP B 27 -8.77 7.36 -18.78
CA TRP B 27 -8.19 7.43 -20.12
C TRP B 27 -7.36 8.73 -20.28
N PRO B 28 -6.21 8.74 -20.97
CA PRO B 28 -5.39 9.94 -21.16
C PRO B 28 -6.13 11.13 -21.81
N ASN B 29 -5.80 12.35 -21.41
CA ASN B 29 -6.31 13.60 -22.00
C ASN B 29 -5.32 14.76 -21.85
N TYR B 30 -5.47 15.79 -22.67
CA TYR B 30 -4.76 17.07 -22.53
C TYR B 30 -5.21 17.87 -21.30
N LEU B 31 -4.34 18.75 -20.79
CA LEU B 31 -4.57 19.59 -19.61
C LEU B 31 -5.60 20.72 -19.88
N PRO B 32 -6.77 20.75 -19.20
CA PRO B 32 -7.78 21.80 -19.40
C PRO B 32 -7.42 23.13 -18.74
N ASP B 33 -8.01 24.22 -19.21
CA ASP B 33 -7.70 25.60 -18.79
C ASP B 33 -7.97 25.89 -17.30
N HIS B 34 -8.89 25.15 -16.66
CA HIS B 34 -9.18 25.29 -15.22
C HIS B 34 -8.21 24.50 -14.31
N GLU B 35 -7.29 23.70 -14.86
CA GLU B 35 -6.23 23.03 -14.10
C GLU B 35 -4.82 23.53 -14.47
N ALA B 36 -4.68 24.37 -15.50
CA ALA B 36 -3.41 24.88 -16.00
C ALA B 36 -2.68 25.83 -15.04
N VAL B 37 -1.35 25.94 -15.19
CA VAL B 37 -0.47 26.81 -14.37
C VAL B 37 0.46 27.66 -15.23
N ALA B 38 1.30 27.06 -16.08
CA ALA B 38 2.22 27.81 -16.94
C ALA B 38 1.46 28.57 -18.04
N ILE B 39 1.82 29.84 -18.30
CA ILE B 39 1.03 30.72 -19.18
C ILE B 39 1.42 30.69 -20.68
N ASP B 40 2.58 30.18 -21.05
CA ASP B 40 3.00 30.07 -22.46
C ASP B 40 2.14 29.08 -23.25
N LYS B 41 1.97 29.30 -24.56
CA LYS B 41 1.27 28.35 -25.43
C LYS B 41 2.07 27.03 -25.53
N PRO B 42 1.48 25.85 -25.23
CA PRO B 42 2.19 24.57 -25.18
C PRO B 42 2.50 24.02 -26.58
N THR B 43 3.59 23.28 -26.70
CA THR B 43 3.88 22.43 -27.89
C THR B 43 3.09 21.13 -27.78
N GLN B 44 2.35 20.75 -28.82
CA GLN B 44 1.60 19.47 -28.90
C GLN B 44 1.92 18.74 -30.22
N PRO B 45 2.97 17.89 -30.28
CA PRO B 45 3.48 17.33 -31.53
C PRO B 45 2.57 16.31 -32.25
N GLU B 46 1.56 15.76 -31.58
CA GLU B 46 0.67 14.71 -32.09
C GLU B 46 1.43 13.49 -32.66
N THR B 47 1.30 13.16 -33.94
CA THR B 47 1.82 11.91 -34.52
C THR B 47 3.34 11.78 -34.50
N ALA B 48 4.10 12.88 -34.33
CA ALA B 48 5.54 12.80 -34.18
C ALA B 48 5.99 12.13 -32.86
N THR B 49 5.22 12.28 -31.78
CA THR B 49 5.54 11.70 -30.46
C THR B 49 4.64 10.53 -30.09
N ASP B 50 3.37 10.57 -30.46
CA ASP B 50 2.36 9.64 -29.95
C ASP B 50 2.27 8.39 -30.85
N ARG B 51 3.24 7.49 -30.69
CA ARG B 51 3.48 6.28 -31.52
C ARG B 51 4.25 5.22 -30.71
N PHE B 52 4.25 3.96 -31.11
CA PHE B 52 5.01 2.92 -30.41
C PHE B 52 6.53 3.01 -30.63
N TYR B 53 7.29 2.94 -29.55
CA TYR B 53 8.74 2.67 -29.53
C TYR B 53 9.00 1.30 -28.89
N THR B 54 9.90 0.51 -29.45
CA THR B 54 10.25 -0.82 -28.93
C THR B 54 11.65 -0.82 -28.32
N LEU B 55 11.78 -1.27 -27.07
CA LEU B 55 13.05 -1.35 -26.33
C LEU B 55 13.87 -2.60 -26.73
N ARG B 56 15.09 -2.78 -26.20
CA ARG B 56 15.79 -4.08 -26.26
C ARG B 56 14.96 -5.21 -25.64
N SER B 57 14.97 -6.39 -26.24
CA SER B 57 14.39 -7.58 -25.62
C SER B 57 15.29 -8.17 -24.53
N VAL B 58 14.73 -8.91 -23.58
CA VAL B 58 15.47 -9.61 -22.50
C VAL B 58 15.20 -11.11 -22.54
N LYS B 59 16.16 -11.95 -22.15
CA LYS B 59 16.04 -13.42 -22.18
C LYS B 59 15.42 -13.96 -20.89
N TRP B 60 14.33 -14.71 -20.96
CA TRP B 60 13.77 -15.44 -19.81
C TRP B 60 14.55 -16.74 -19.59
N GLU B 61 15.15 -16.92 -18.42
CA GLU B 61 16.01 -18.05 -18.07
C GLU B 61 15.61 -18.62 -16.70
N ALA B 62 16.05 -19.84 -16.40
CA ALA B 62 15.62 -20.55 -15.19
C ALA B 62 15.93 -19.81 -13.88
N GLY B 63 17.00 -19.01 -13.84
CA GLY B 63 17.41 -18.22 -12.67
C GLY B 63 16.89 -16.78 -12.61
N SER B 64 16.07 -16.30 -13.56
CA SER B 64 15.67 -14.89 -13.64
C SER B 64 14.86 -14.42 -12.42
N THR B 65 15.21 -13.26 -11.85
CA THR B 65 14.47 -12.63 -10.74
C THR B 65 13.37 -11.66 -11.22
N GLY B 66 13.48 -11.12 -12.43
CA GLY B 66 12.55 -10.13 -12.98
C GLY B 66 13.23 -8.80 -13.35
N TRP B 67 12.51 -7.96 -14.08
CA TRP B 67 13.06 -6.77 -14.75
C TRP B 67 12.19 -5.53 -14.50
N TRP B 68 12.78 -4.34 -14.58
CA TRP B 68 12.04 -3.08 -14.45
C TRP B 68 12.58 -1.96 -15.33
N TRP B 69 11.70 -1.03 -15.70
CA TRP B 69 11.98 0.21 -16.44
C TRP B 69 11.21 1.38 -15.83
N LYS B 70 11.79 2.58 -15.83
CA LYS B 70 11.16 3.81 -15.28
C LYS B 70 10.75 4.78 -16.38
N LEU B 71 9.57 5.39 -16.26
CA LEU B 71 9.01 6.35 -17.22
C LEU B 71 8.89 7.76 -16.60
N PRO B 72 9.31 8.83 -17.32
CA PRO B 72 9.70 8.82 -18.72
C PRO B 72 11.16 8.42 -19.02
N ASP B 73 12.02 8.14 -18.03
CA ASP B 73 13.47 7.95 -18.23
C ASP B 73 13.86 6.99 -19.38
N ALA B 74 13.18 5.84 -19.52
CA ALA B 74 13.49 4.87 -20.59
C ALA B 74 13.32 5.43 -22.02
N LEU B 75 12.51 6.48 -22.23
CA LEU B 75 12.27 7.10 -23.54
C LEU B 75 13.01 8.44 -23.76
N ASN B 76 13.68 9.00 -22.75
CA ASN B 76 14.25 10.36 -22.81
C ASN B 76 15.33 10.57 -23.90
N ASN B 77 15.89 9.50 -24.49
CA ASN B 77 16.84 9.57 -25.61
C ASN B 77 16.29 9.07 -26.97
N ILE B 78 15.00 8.74 -27.10
CA ILE B 78 14.46 8.07 -28.29
C ILE B 78 13.63 9.00 -29.18
N GLY B 79 13.97 9.10 -30.46
CA GLY B 79 13.19 9.77 -31.51
C GLY B 79 12.85 11.24 -31.24
N MET B 80 11.74 11.72 -31.82
CA MET B 80 11.24 13.08 -31.60
C MET B 80 10.70 13.32 -30.17
N PHE B 81 10.34 12.27 -29.42
CA PHE B 81 10.00 12.40 -27.99
C PHE B 81 11.23 12.86 -27.19
N GLY B 82 12.37 12.19 -27.36
CA GLY B 82 13.63 12.58 -26.72
C GLY B 82 14.09 13.99 -27.10
N GLN B 83 13.96 14.40 -28.36
CA GLN B 83 14.31 15.77 -28.76
C GLN B 83 13.42 16.83 -28.09
N ASN B 84 12.10 16.64 -28.04
CA ASN B 84 11.22 17.57 -27.33
C ASN B 84 11.54 17.62 -25.83
N VAL B 85 11.81 16.48 -25.19
CA VAL B 85 12.22 16.41 -23.79
C VAL B 85 13.49 17.23 -23.52
N GLN B 86 14.50 17.17 -24.40
CA GLN B 86 15.77 17.86 -24.17
C GLN B 86 15.69 19.38 -24.38
N HIS B 87 14.78 19.88 -25.22
CA HIS B 87 14.60 21.31 -25.50
C HIS B 87 13.56 22.04 -24.63
N HIS B 88 12.75 21.35 -23.81
CA HIS B 88 11.72 21.98 -22.98
C HIS B 88 11.95 21.75 -21.48
N TYR B 89 11.62 22.73 -20.66
CA TYR B 89 11.67 22.61 -19.19
C TYR B 89 10.59 21.67 -18.64
N LEU B 90 9.35 21.69 -19.16
CA LEU B 90 8.23 20.93 -18.62
C LEU B 90 7.62 19.97 -19.64
N TYR B 91 7.13 18.83 -19.16
CA TYR B 91 6.40 17.83 -19.95
C TYR B 91 5.17 17.30 -19.21
N ARG B 92 4.23 16.71 -19.95
CA ARG B 92 3.11 15.89 -19.47
C ARG B 92 2.73 14.86 -20.54
N SER B 93 2.40 13.62 -20.18
CA SER B 93 1.73 12.64 -21.05
C SER B 93 1.12 11.45 -20.28
N GLY B 94 0.21 10.72 -20.90
CA GLY B 94 -0.07 9.31 -20.54
C GLY B 94 0.84 8.33 -21.28
N PHE B 95 0.62 7.03 -21.11
CA PHE B 95 1.32 5.94 -21.83
C PHE B 95 0.40 4.76 -22.15
N LEU B 96 0.67 4.05 -23.24
CA LEU B 96 0.11 2.75 -23.57
C LEU B 96 1.26 1.74 -23.68
N ILE B 97 1.24 0.71 -22.84
CA ILE B 97 2.30 -0.30 -22.71
C ILE B 97 1.81 -1.65 -23.24
N HIS B 98 2.58 -2.30 -24.11
CA HIS B 98 2.30 -3.63 -24.64
C HIS B 98 3.49 -4.58 -24.46
N VAL B 99 3.30 -5.65 -23.69
CA VAL B 99 4.35 -6.63 -23.34
C VAL B 99 4.11 -7.94 -24.09
N GLN B 100 5.14 -8.48 -24.75
CA GLN B 100 5.05 -9.60 -25.68
C GLN B 100 5.95 -10.77 -25.26
N CYS B 101 5.42 -11.99 -25.19
CA CYS B 101 6.17 -13.22 -24.91
C CYS B 101 5.42 -14.47 -25.37
N ASN B 102 6.02 -15.30 -26.23
CA ASN B 102 5.41 -16.52 -26.78
C ASN B 102 6.30 -17.76 -26.57
N ALA B 103 5.67 -18.93 -26.50
CA ALA B 103 6.30 -20.24 -26.34
C ALA B 103 5.36 -21.36 -26.85
N THR B 104 5.82 -22.60 -26.94
CA THR B 104 4.99 -23.73 -27.46
C THR B 104 3.89 -24.17 -26.49
N LYS B 105 2.95 -24.97 -26.97
CA LYS B 105 1.94 -25.68 -26.14
C LYS B 105 2.55 -26.68 -25.14
N PHE B 106 3.83 -27.04 -25.24
CA PHE B 106 4.57 -27.85 -24.28
C PHE B 106 5.35 -27.05 -23.22
N HIS B 107 5.42 -25.72 -23.30
CA HIS B 107 6.02 -24.88 -22.27
C HIS B 107 5.02 -24.53 -21.16
N GLN B 108 5.51 -24.21 -19.98
CA GLN B 108 4.74 -23.63 -18.88
C GLN B 108 5.51 -22.48 -18.20
N GLY B 109 4.81 -21.57 -17.54
CA GLY B 109 5.37 -20.40 -16.87
C GLY B 109 4.36 -19.26 -16.75
N ALA B 110 4.54 -18.38 -15.76
CA ALA B 110 3.69 -17.20 -15.58
C ALA B 110 4.46 -15.95 -15.16
N LEU B 111 4.17 -14.83 -15.83
CA LEU B 111 4.70 -13.49 -15.54
C LEU B 111 3.60 -12.59 -14.94
N LEU B 112 3.88 -11.93 -13.83
CA LEU B 112 3.10 -10.76 -13.41
C LEU B 112 3.67 -9.51 -14.11
N VAL B 113 2.82 -8.76 -14.80
CA VAL B 113 3.16 -7.48 -15.43
C VAL B 113 2.41 -6.38 -14.68
N VAL B 114 3.14 -5.46 -14.03
CA VAL B 114 2.53 -4.47 -13.12
C VAL B 114 3.14 -3.07 -13.32
N ALA B 115 2.29 -2.04 -13.30
CA ALA B 115 2.71 -0.63 -13.34
C ALA B 115 2.58 0.00 -11.95
N ILE B 116 3.70 0.44 -11.36
CA ILE B 116 3.73 0.96 -9.99
C ILE B 116 3.91 2.49 -10.02
N PRO B 117 2.99 3.28 -9.44
CA PRO B 117 3.17 4.73 -9.33
C PRO B 117 4.13 5.06 -8.19
N GLU B 118 5.07 6.00 -8.39
CA GLU B 118 6.04 6.41 -7.36
C GLU B 118 6.77 5.23 -6.69
N HIS B 119 7.38 4.32 -7.46
CA HIS B 119 8.15 3.20 -6.92
C HIS B 119 9.53 3.64 -6.40
N GLN B 120 9.53 4.27 -5.22
CA GLN B 120 10.74 4.67 -4.52
C GLN B 120 11.49 3.45 -3.97
N ARG B 121 12.66 3.10 -4.53
CA ARG B 121 13.42 1.89 -4.17
C ARG B 121 14.15 2.04 -2.84
N GLY B 122 14.36 0.93 -2.12
CA GLY B 122 15.25 0.84 -0.96
C GLY B 122 16.53 0.06 -1.26
N ALA B 123 17.61 0.34 -0.54
CA ALA B 123 18.81 -0.52 -0.52
C ALA B 123 18.71 -1.60 0.56
N HIS B 124 19.47 -2.69 0.41
CA HIS B 124 19.49 -3.84 1.32
C HIS B 124 20.64 -3.76 2.30
N ASN B 125 20.38 -3.98 3.59
CA ASN B 125 21.35 -4.16 4.67
C ASN B 125 22.34 -2.99 4.86
N THR B 126 21.87 -1.75 4.71
CA THR B 126 22.66 -0.52 4.92
C THR B 126 21.76 0.67 5.29
N ASN B 127 22.30 1.71 5.94
CA ASN B 127 21.56 2.94 6.22
C ASN B 127 21.60 3.96 5.06
N THR B 128 22.54 3.84 4.12
CA THR B 128 22.75 4.78 3.00
C THR B 128 21.67 4.65 1.93
N SER B 129 21.10 5.77 1.45
CA SER B 129 20.11 5.78 0.36
C SER B 129 20.71 5.39 -1.00
N PRO B 130 19.92 4.84 -1.94
CA PRO B 130 20.33 4.63 -3.33
C PRO B 130 20.90 5.89 -4.01
N GLY B 131 21.94 5.73 -4.83
CA GLY B 131 22.57 6.81 -5.61
C GLY B 131 21.93 7.04 -6.97
N PHE B 132 22.35 8.09 -7.67
CA PHE B 132 21.79 8.46 -8.98
C PHE B 132 21.93 7.33 -10.03
N ASP B 133 23.09 6.66 -10.07
CA ASP B 133 23.36 5.54 -10.99
C ASP B 133 22.63 4.23 -10.62
N ASP B 134 22.14 4.09 -9.39
CA ASP B 134 21.29 2.96 -9.00
C ASP B 134 19.86 3.11 -9.56
N ILE B 135 19.40 4.35 -9.73
CA ILE B 135 18.01 4.67 -10.12
C ILE B 135 17.87 4.94 -11.62
N MET B 136 18.72 5.80 -12.18
CA MET B 136 18.54 6.34 -13.54
C MET B 136 19.23 5.45 -14.60
N LYS B 137 18.64 4.29 -14.89
CA LYS B 137 19.18 3.28 -15.83
C LYS B 137 18.92 3.58 -17.31
N GLY B 138 18.00 4.47 -17.68
CA GLY B 138 17.65 4.74 -19.07
C GLY B 138 17.00 3.56 -19.78
N GLU B 139 17.23 3.44 -21.09
CA GLU B 139 16.58 2.45 -21.97
C GLU B 139 16.93 0.98 -21.63
N GLU B 140 18.05 0.71 -20.97
CA GLU B 140 18.43 -0.64 -20.56
C GLU B 140 17.54 -1.23 -19.44
N GLY B 141 16.95 -0.38 -18.59
CA GLY B 141 16.27 -0.82 -17.37
C GLY B 141 17.19 -1.49 -16.34
N GLY B 142 16.61 -2.16 -15.35
CA GLY B 142 17.32 -2.90 -14.32
C GLY B 142 16.66 -4.25 -13.98
N THR B 143 17.20 -4.93 -12.97
CA THR B 143 16.67 -6.21 -12.46
C THR B 143 16.35 -6.13 -10.96
N PHE B 144 15.39 -6.91 -10.48
CA PHE B 144 15.07 -6.98 -9.05
C PHE B 144 16.15 -7.74 -8.26
N ASN B 145 16.52 -7.22 -7.08
CA ASN B 145 17.41 -7.92 -6.14
C ASN B 145 16.63 -8.92 -5.26
N HIS B 146 15.47 -8.50 -4.76
CA HIS B 146 14.59 -9.25 -3.86
C HIS B 146 13.12 -9.04 -4.28
N PRO B 147 12.67 -9.68 -5.38
CA PRO B 147 11.34 -9.45 -5.95
C PRO B 147 10.21 -9.78 -4.98
N TYR B 148 10.42 -10.74 -4.07
CA TYR B 148 9.47 -11.11 -3.01
C TYR B 148 9.07 -9.94 -2.09
N VAL B 149 9.93 -8.92 -1.95
CA VAL B 149 9.63 -7.66 -1.23
C VAL B 149 9.70 -6.41 -2.13
N LEU B 150 9.59 -6.58 -3.45
CA LEU B 150 9.58 -5.52 -4.47
C LEU B 150 10.76 -4.53 -4.39
N ASP B 151 11.90 -4.92 -3.81
CA ASP B 151 13.03 -4.03 -3.47
C ASP B 151 12.64 -2.79 -2.62
N ASP B 152 11.59 -2.85 -1.80
CA ASP B 152 11.15 -1.73 -0.95
C ASP B 152 10.63 -2.15 0.44
N GLY B 153 10.77 -3.42 0.80
CA GLY B 153 10.34 -3.96 2.10
C GLY B 153 8.81 -4.11 2.26
N THR B 154 8.01 -3.94 1.21
CA THR B 154 6.58 -4.28 1.22
C THR B 154 6.38 -5.77 0.86
N SER B 155 5.51 -6.15 -0.08
CA SER B 155 5.49 -7.54 -0.57
C SER B 155 4.93 -7.69 -1.98
N LEU B 156 5.39 -8.73 -2.69
CA LEU B 156 4.88 -9.14 -3.99
C LEU B 156 3.43 -9.66 -3.91
N ALA B 157 3.05 -10.35 -2.83
CA ALA B 157 1.73 -10.96 -2.69
C ALA B 157 0.56 -9.96 -2.81
N CYS B 158 0.76 -8.73 -2.33
CA CYS B 158 -0.21 -7.64 -2.40
C CYS B 158 -0.05 -6.71 -3.62
N ALA B 159 0.89 -6.96 -4.54
CA ALA B 159 1.14 -6.08 -5.68
C ALA B 159 -0.04 -5.93 -6.64
N THR B 160 -1.01 -6.86 -6.60
CA THR B 160 -2.27 -6.83 -7.35
C THR B 160 -3.19 -5.64 -7.01
N ILE B 161 -2.91 -4.82 -5.99
CA ILE B 161 -3.60 -3.54 -5.78
C ILE B 161 -3.29 -2.49 -6.86
N PHE B 162 -2.13 -2.59 -7.52
CA PHE B 162 -1.75 -1.73 -8.65
C PHE B 162 -2.33 -2.20 -10.00
N PRO B 163 -2.42 -1.33 -11.03
CA PRO B 163 -2.75 -1.74 -12.40
C PRO B 163 -1.82 -2.84 -12.93
N HIS B 164 -2.39 -3.98 -13.35
CA HIS B 164 -1.62 -5.17 -13.72
C HIS B 164 -2.37 -6.10 -14.69
N GLN B 165 -1.63 -7.00 -15.32
CA GLN B 165 -2.13 -8.19 -16.04
C GLN B 165 -1.17 -9.36 -15.83
N TRP B 166 -1.57 -10.58 -16.19
CA TRP B 166 -0.66 -11.74 -16.23
C TRP B 166 -0.42 -12.22 -17.65
N ILE B 167 0.75 -12.76 -17.92
CA ILE B 167 0.96 -13.65 -19.07
C ILE B 167 1.12 -15.07 -18.50
N ASN B 168 0.18 -15.95 -18.80
CA ASN B 168 0.19 -17.36 -18.43
C ASN B 168 0.30 -18.16 -19.72
N LEU B 169 1.38 -18.93 -19.90
CA LEU B 169 1.74 -19.43 -21.24
C LEU B 169 0.72 -20.39 -21.88
N ARG B 170 -0.12 -21.08 -21.10
CA ARG B 170 -1.25 -21.85 -21.64
C ARG B 170 -2.45 -21.00 -22.10
N THR B 171 -2.56 -19.75 -21.65
CA THR B 171 -3.74 -18.89 -21.86
C THR B 171 -3.52 -17.80 -22.90
N ASN B 172 -2.45 -17.01 -22.79
CA ASN B 172 -2.25 -15.78 -23.55
C ASN B 172 -0.75 -15.52 -23.85
N ASN B 173 -0.44 -14.68 -24.85
CA ASN B 173 0.94 -14.36 -25.25
C ASN B 173 1.30 -12.85 -25.22
N SER B 174 0.40 -12.01 -24.73
CA SER B 174 0.65 -10.57 -24.56
C SER B 174 -0.20 -9.96 -23.43
N ALA B 175 0.27 -8.84 -22.88
CA ALA B 175 -0.42 -8.03 -21.89
C ALA B 175 -0.45 -6.55 -22.31
N THR B 176 -1.54 -5.83 -22.02
CA THR B 176 -1.71 -4.41 -22.43
C THR B 176 -2.26 -3.56 -21.29
N ILE B 177 -1.63 -2.41 -21.02
CA ILE B 177 -2.04 -1.47 -19.95
C ILE B 177 -2.03 -0.03 -20.47
N VAL B 178 -3.09 0.74 -20.18
CA VAL B 178 -3.21 2.17 -20.48
C VAL B 178 -3.06 2.96 -19.18
N LEU B 179 -2.12 3.91 -19.15
CA LEU B 179 -1.77 4.72 -17.98
C LEU B 179 -2.13 6.20 -18.18
N PRO B 180 -2.91 6.83 -17.29
CA PRO B 180 -3.13 8.29 -17.28
C PRO B 180 -1.92 9.04 -16.69
N TRP B 181 -1.94 10.38 -16.77
CA TRP B 181 -1.03 11.22 -15.98
C TRP B 181 -1.27 11.00 -14.48
N MET B 182 -0.21 10.80 -13.72
CA MET B 182 -0.27 10.38 -12.32
C MET B 182 0.79 11.11 -11.50
N ASN B 183 0.45 12.28 -11.00
CA ASN B 183 1.35 13.21 -10.30
C ASN B 183 0.55 14.15 -9.39
N ALA B 184 1.19 14.74 -8.39
CA ALA B 184 0.58 15.77 -7.54
C ALA B 184 0.50 17.16 -8.23
N ALA B 185 1.25 17.36 -9.32
CA ALA B 185 1.32 18.60 -10.09
C ALA B 185 0.83 18.41 -11.54
N PRO B 186 0.33 19.45 -12.22
CA PRO B 186 -0.22 19.32 -13.58
C PRO B 186 0.83 19.04 -14.67
N MET B 187 2.09 19.43 -14.48
CA MET B 187 3.24 19.16 -15.36
C MET B 187 4.51 18.93 -14.53
N ASP B 188 5.57 18.36 -15.10
CA ASP B 188 6.82 18.10 -14.37
C ASP B 188 8.09 18.18 -15.24
N PHE B 189 9.25 18.32 -14.60
CA PHE B 189 10.57 18.29 -15.23
C PHE B 189 11.02 16.84 -15.49
N PRO B 190 11.15 16.38 -16.75
CA PRO B 190 11.29 14.96 -17.07
C PRO B 190 12.63 14.30 -16.71
N LEU B 191 13.66 15.07 -16.34
CA LEU B 191 15.02 14.54 -16.11
C LEU B 191 15.32 14.17 -14.63
N ARG B 192 14.41 14.40 -13.68
CA ARG B 192 14.65 14.19 -12.23
C ARG B 192 13.56 13.45 -11.44
N HIS B 193 12.37 13.23 -12.00
CA HIS B 193 11.26 12.51 -11.35
C HIS B 193 10.61 11.54 -12.35
N ASN B 194 10.30 10.30 -11.91
CA ASN B 194 9.59 9.31 -12.73
C ASN B 194 8.18 9.05 -12.17
N GLN B 195 7.14 9.18 -12.98
CA GLN B 195 5.77 8.95 -12.53
C GLN B 195 5.45 7.46 -12.34
N TRP B 196 5.93 6.61 -13.24
CA TRP B 196 5.57 5.19 -13.31
C TRP B 196 6.80 4.29 -13.44
N THR B 197 6.77 3.12 -12.80
CA THR B 197 7.72 2.01 -13.04
C THR B 197 6.99 0.80 -13.60
N LEU B 198 7.41 0.30 -14.75
CA LEU B 198 6.97 -1.00 -15.28
C LEU B 198 7.83 -2.11 -14.67
N ALA B 199 7.20 -3.14 -14.10
CA ALA B 199 7.88 -4.30 -13.54
C ALA B 199 7.32 -5.60 -14.12
N ILE B 200 8.21 -6.52 -14.49
CA ILE B 200 7.89 -7.85 -15.02
C ILE B 200 8.56 -8.91 -14.13
N ILE B 201 7.77 -9.75 -13.45
CA ILE B 201 8.25 -10.70 -12.45
C ILE B 201 7.78 -12.14 -12.76
N PRO B 202 8.68 -13.13 -12.93
CA PRO B 202 8.33 -14.52 -13.16
C PRO B 202 7.92 -15.24 -11.87
N VAL B 203 6.62 -15.29 -11.56
CA VAL B 203 6.09 -15.93 -10.34
C VAL B 203 6.13 -17.46 -10.46
N VAL B 204 5.83 -18.02 -11.64
CA VAL B 204 6.05 -19.44 -11.95
C VAL B 204 7.13 -19.54 -13.03
N PRO B 205 8.26 -20.22 -12.78
CA PRO B 205 9.41 -20.21 -13.69
C PRO B 205 9.15 -20.99 -14.99
N LEU B 206 9.86 -20.61 -16.06
CA LEU B 206 9.79 -21.24 -17.37
C LEU B 206 10.21 -22.72 -17.29
N GLY B 207 9.44 -23.63 -17.88
CA GLY B 207 9.78 -25.06 -17.91
C GLY B 207 9.18 -25.82 -19.08
N THR B 208 9.89 -26.85 -19.54
CA THR B 208 9.45 -27.82 -20.57
C THR B 208 10.37 -29.06 -20.58
N ARG B 209 9.97 -30.14 -21.25
CA ARG B 209 10.87 -31.25 -21.64
C ARG B 209 11.07 -31.36 -23.17
N THR B 210 10.48 -30.49 -23.99
CA THR B 210 10.75 -30.44 -25.44
C THR B 210 12.11 -29.80 -25.77
N MET B 211 12.44 -29.66 -27.05
CA MET B 211 13.67 -29.00 -27.53
C MET B 211 13.88 -27.62 -26.89
N SER B 212 15.10 -27.36 -26.40
CA SER B 212 15.45 -26.06 -25.81
C SER B 212 15.47 -24.94 -26.87
N SER B 213 15.05 -23.73 -26.50
CA SER B 213 15.12 -22.53 -27.33
C SER B 213 15.21 -21.28 -26.46
N MET B 214 15.80 -20.22 -26.99
CA MET B 214 15.86 -18.90 -26.35
C MET B 214 14.47 -18.26 -26.37
N VAL B 215 13.91 -17.92 -25.20
CA VAL B 215 12.57 -17.32 -25.04
C VAL B 215 12.71 -15.86 -24.60
N PRO B 216 12.63 -14.88 -25.50
CA PRO B 216 12.74 -13.48 -25.15
C PRO B 216 11.40 -12.87 -24.69
N ILE B 217 11.48 -11.80 -23.91
CA ILE B 217 10.39 -10.90 -23.55
C ILE B 217 10.65 -9.54 -24.20
N THR B 218 9.63 -8.93 -24.82
CA THR B 218 9.76 -7.66 -25.56
C THR B 218 8.75 -6.63 -25.08
N VAL B 219 9.18 -5.38 -24.91
CA VAL B 219 8.36 -4.26 -24.43
C VAL B 219 8.23 -3.17 -25.50
N SER B 220 6.99 -2.80 -25.84
CA SER B 220 6.68 -1.63 -26.67
C SER B 220 5.87 -0.60 -25.88
N ILE B 221 6.23 0.68 -25.98
CA ILE B 221 5.59 1.78 -25.24
C ILE B 221 5.22 2.92 -26.18
N ALA B 222 4.01 3.44 -26.08
CA ALA B 222 3.58 4.64 -26.80
C ALA B 222 3.16 5.76 -25.82
N PRO B 223 3.82 6.93 -25.84
CA PRO B 223 3.29 8.13 -25.20
C PRO B 223 1.91 8.53 -25.77
N MET B 224 1.03 9.10 -24.95
CA MET B 224 -0.30 9.58 -25.37
C MET B 224 -0.59 10.99 -24.84
N CYS B 225 -1.14 11.86 -25.69
CA CYS B 225 -1.47 13.25 -25.35
C CYS B 225 -0.26 14.05 -24.83
N CYS B 226 0.91 13.97 -25.49
CA CYS B 226 2.10 14.71 -25.08
C CYS B 226 1.92 16.23 -25.16
N GLU B 227 2.37 16.95 -24.14
CA GLU B 227 2.49 18.41 -24.13
C GLU B 227 3.84 18.83 -23.54
N PHE B 228 4.43 19.90 -24.07
CA PHE B 228 5.70 20.47 -23.58
C PHE B 228 5.62 22.00 -23.43
N ASN B 229 6.25 22.56 -22.40
CA ASN B 229 6.27 24.01 -22.10
C ASN B 229 7.69 24.46 -21.70
N GLY B 230 7.96 25.76 -21.84
CA GLY B 230 9.26 26.34 -21.47
C GLY B 230 10.39 25.96 -22.42
N LEU B 231 10.26 26.33 -23.69
CA LEU B 231 11.28 26.12 -24.73
C LEU B 231 12.59 26.88 -24.43
N ARG B 232 13.73 26.21 -24.64
CA ARG B 232 15.09 26.72 -24.42
C ARG B 232 16.09 25.96 -25.31
N HIS B 233 17.39 26.15 -25.11
CA HIS B 233 18.43 25.32 -25.73
C HIS B 233 18.41 23.87 -25.21
N ALA B 234 19.03 22.96 -25.97
CA ALA B 234 19.08 21.53 -25.62
C ALA B 234 19.94 21.27 -24.37
N ILE B 235 19.43 20.44 -23.46
CA ILE B 235 20.14 19.96 -22.27
C ILE B 235 19.93 18.45 -22.14
N THR B 236 21.00 17.69 -21.90
CA THR B 236 20.97 16.23 -21.78
C THR B 236 21.05 15.75 -20.32
N GLN B 237 20.82 14.46 -20.11
CA GLN B 237 21.39 13.75 -18.93
C GLN B 237 22.92 13.61 -19.04
N GLY C 1 -22.68 37.99 34.30
CA GLY C 1 -22.30 36.98 33.29
C GLY C 1 -23.09 35.69 33.47
N VAL C 2 -22.73 34.64 32.73
CA VAL C 2 -23.42 33.34 32.78
C VAL C 2 -22.94 32.50 33.98
N PRO C 3 -23.82 31.98 34.84
CA PRO C 3 -23.44 31.03 35.89
C PRO C 3 -23.14 29.65 35.29
N THR C 4 -22.01 29.05 35.67
CA THR C 4 -21.51 27.79 35.10
C THR C 4 -20.94 26.87 36.17
N TYR C 5 -20.79 25.58 35.86
CA TYR C 5 -20.02 24.65 36.67
C TYR C 5 -19.30 23.62 35.80
N LEU C 6 -18.18 23.08 36.30
CA LEU C 6 -17.34 22.13 35.57
C LEU C 6 -17.71 20.69 35.86
N LEU C 7 -17.82 19.86 34.82
CA LEU C 7 -18.07 18.42 34.92
C LEU C 7 -16.77 17.60 35.09
N PRO C 8 -16.86 16.38 35.63
CA PRO C 8 -15.84 15.34 35.46
C PRO C 8 -15.46 15.17 33.99
N GLY C 9 -14.17 14.97 33.71
CA GLY C 9 -13.59 14.99 32.36
C GLY C 9 -13.11 16.37 31.88
N SER C 10 -13.30 17.46 32.63
CA SER C 10 -12.74 18.77 32.27
C SER C 10 -11.21 18.75 32.22
N GLY C 11 -10.63 19.29 31.15
CA GLY C 11 -9.18 19.41 30.97
C GLY C 11 -8.46 18.14 30.52
N GLN C 12 -9.13 16.98 30.42
CA GLN C 12 -8.49 15.75 29.93
C GLN C 12 -8.15 15.83 28.45
N PHE C 13 -7.15 15.08 27.99
CA PHE C 13 -6.84 14.91 26.56
C PHE C 13 -7.13 13.46 26.14
N LEU C 14 -8.14 13.27 25.30
CA LEU C 14 -8.57 11.98 24.76
C LEU C 14 -8.17 11.91 23.27
N THR C 15 -7.41 10.90 22.86
CA THR C 15 -6.82 10.86 21.51
C THR C 15 -7.84 10.64 20.36
N THR C 16 -9.07 10.20 20.67
CA THR C 16 -10.16 10.02 19.71
C THR C 16 -11.21 11.16 19.73
N ASP C 17 -10.90 12.30 20.34
CA ASP C 17 -11.79 13.48 20.38
C ASP C 17 -12.06 14.12 19.00
N ASP C 18 -13.11 14.94 18.91
CA ASP C 18 -13.45 15.66 17.68
C ASP C 18 -14.04 17.05 17.97
N HIS C 19 -13.20 18.08 17.90
CA HIS C 19 -13.52 19.48 18.17
C HIS C 19 -12.84 20.41 17.18
N SER C 20 -13.38 21.61 16.98
CA SER C 20 -12.64 22.70 16.33
C SER C 20 -11.48 23.19 17.21
N SER C 21 -10.42 23.76 16.60
CA SER C 21 -9.27 24.30 17.34
C SER C 21 -8.59 25.45 16.58
N ALA C 22 -7.87 26.32 17.31
CA ALA C 22 -7.41 27.61 16.80
C ALA C 22 -6.48 27.50 15.56
N PRO C 23 -6.76 28.24 14.46
CA PRO C 23 -5.92 28.23 13.27
C PRO C 23 -4.61 28.99 13.50
N VAL C 24 -3.47 28.38 13.15
CA VAL C 24 -2.14 29.01 13.28
C VAL C 24 -1.94 30.17 12.31
N LEU C 25 -2.35 29.99 11.06
CA LEU C 25 -2.14 30.93 9.94
C LEU C 25 -3.47 31.54 9.48
N PRO C 26 -3.89 32.71 10.00
CA PRO C 26 -5.14 33.34 9.57
C PRO C 26 -5.06 33.87 8.13
N CYS C 27 -6.19 33.87 7.42
CA CYS C 27 -6.32 34.31 6.02
C CYS C 27 -5.51 33.49 4.99
N PHE C 28 -4.96 32.33 5.37
CA PHE C 28 -4.20 31.45 4.48
C PHE C 28 -5.11 30.79 3.43
N ASN C 29 -4.67 30.75 2.16
CA ASN C 29 -5.39 30.08 1.07
C ASN C 29 -4.67 28.78 0.65
N PRO C 30 -5.25 27.60 0.90
CA PRO C 30 -4.65 26.34 0.49
C PRO C 30 -4.70 26.18 -1.04
N THR C 31 -3.80 25.36 -1.59
CA THR C 31 -3.67 25.17 -3.04
C THR C 31 -4.94 24.54 -3.64
N PRO C 32 -5.44 25.01 -4.80
CA PRO C 32 -6.61 24.43 -5.45
C PRO C 32 -6.53 22.90 -5.62
N GLU C 33 -7.67 22.23 -5.49
CA GLU C 33 -7.80 20.82 -5.84
C GLU C 33 -7.74 20.62 -7.36
N MET C 34 -7.19 19.48 -7.80
CA MET C 34 -7.25 19.02 -9.19
C MET C 34 -7.61 17.54 -9.20
N HIS C 35 -8.11 17.02 -10.32
CA HIS C 35 -8.41 15.59 -10.41
C HIS C 35 -7.14 14.73 -10.37
N ILE C 36 -7.13 13.70 -9.53
CA ILE C 36 -6.07 12.68 -9.45
C ILE C 36 -6.74 11.30 -9.56
N PRO C 37 -6.25 10.37 -10.40
CA PRO C 37 -6.77 9.01 -10.49
C PRO C 37 -6.76 8.23 -9.16
N GLY C 38 -7.71 7.30 -9.00
CA GLY C 38 -7.63 6.29 -7.93
C GLY C 38 -7.93 6.78 -6.51
N GLN C 39 -8.85 7.73 -6.31
CA GLN C 39 -9.30 8.13 -4.97
C GLN C 39 -9.99 6.97 -4.23
N VAL C 40 -9.75 6.83 -2.93
CA VAL C 40 -10.36 5.81 -2.05
C VAL C 40 -11.04 6.49 -0.85
N ARG C 41 -12.22 6.01 -0.43
CA ARG C 41 -13.03 6.65 0.62
C ARG C 41 -13.45 5.71 1.75
N ASN C 42 -13.53 4.41 1.51
CA ASN C 42 -13.73 3.40 2.56
C ASN C 42 -12.70 2.27 2.38
N MET C 43 -12.07 1.80 3.46
CA MET C 43 -11.09 0.72 3.39
C MET C 43 -11.68 -0.60 2.89
N LEU C 44 -13.01 -0.79 2.98
CA LEU C 44 -13.70 -1.93 2.39
C LEU C 44 -13.63 -1.96 0.85
N GLU C 45 -13.29 -0.86 0.17
CA GLU C 45 -13.01 -0.87 -1.27
C GLU C 45 -11.70 -1.64 -1.58
N VAL C 46 -10.67 -1.49 -0.74
CA VAL C 46 -9.37 -2.16 -0.89
C VAL C 46 -9.47 -3.66 -0.60
N VAL C 47 -10.18 -4.02 0.46
CA VAL C 47 -10.37 -5.39 0.94
C VAL C 47 -11.07 -6.32 -0.08
N GLN C 48 -11.82 -5.76 -1.04
CA GLN C 48 -12.46 -6.51 -2.12
C GLN C 48 -11.52 -6.92 -3.28
N VAL C 49 -10.24 -6.54 -3.28
CA VAL C 49 -9.28 -6.89 -4.35
C VAL C 49 -8.53 -8.18 -4.02
N GLU C 50 -8.44 -9.11 -4.98
CA GLU C 50 -7.66 -10.35 -4.81
C GLU C 50 -6.16 -10.12 -4.56
N SER C 51 -5.56 -10.92 -3.68
CA SER C 51 -4.11 -10.97 -3.44
C SER C 51 -3.66 -12.39 -3.09
N MET C 52 -2.38 -12.70 -3.30
CA MET C 52 -1.84 -14.08 -3.26
C MET C 52 -1.70 -14.63 -1.84
N MET C 53 -2.14 -15.87 -1.61
CA MET C 53 -1.94 -16.61 -0.35
C MET C 53 -0.54 -17.24 -0.29
N GLU C 54 0.12 -17.24 0.87
CA GLU C 54 1.41 -17.92 1.08
C GLU C 54 1.18 -19.36 1.59
N ILE C 55 0.59 -20.23 0.75
CA ILE C 55 0.16 -21.60 1.13
C ILE C 55 1.36 -22.50 1.47
N ASN C 56 2.49 -22.32 0.77
CA ASN C 56 3.70 -23.13 0.92
C ASN C 56 4.65 -22.54 1.99
N ASN C 57 4.12 -22.21 3.16
CA ASN C 57 4.90 -21.68 4.30
C ASN C 57 5.71 -22.79 5.01
N THR C 58 6.68 -23.38 4.32
CA THR C 58 7.48 -24.53 4.81
C THR C 58 8.98 -24.19 4.85
N GLU C 59 9.74 -24.88 5.71
CA GLU C 59 11.17 -24.58 5.96
C GLU C 59 12.06 -24.59 4.71
N SER C 60 11.74 -25.43 3.71
CA SER C 60 12.53 -25.57 2.49
C SER C 60 12.21 -24.56 1.38
N ALA C 61 11.12 -23.80 1.47
CA ALA C 61 10.69 -22.85 0.44
C ALA C 61 11.22 -21.43 0.70
N VAL C 62 11.96 -20.87 -0.25
CA VAL C 62 12.66 -19.57 -0.14
C VAL C 62 12.05 -18.50 -1.05
N GLY C 63 11.69 -17.33 -0.51
CA GLY C 63 11.19 -16.20 -1.29
C GLY C 63 9.94 -16.53 -2.12
N MET C 64 9.97 -16.26 -3.43
CA MET C 64 8.83 -16.49 -4.32
C MET C 64 8.32 -17.95 -4.37
N GLU C 65 9.15 -18.94 -4.02
CA GLU C 65 8.73 -20.35 -3.95
C GLU C 65 7.57 -20.59 -2.97
N ARG C 66 7.40 -19.71 -1.98
CA ARG C 66 6.36 -19.80 -0.95
C ARG C 66 4.97 -19.43 -1.48
N LEU C 67 4.89 -18.76 -2.63
CA LEU C 67 3.65 -18.26 -3.23
C LEU C 67 2.95 -19.23 -4.21
N LYS C 68 3.51 -20.43 -4.44
CA LYS C 68 2.94 -21.45 -5.33
C LYS C 68 2.93 -22.85 -4.69
N VAL C 69 1.99 -23.69 -5.11
CA VAL C 69 1.94 -25.12 -4.73
C VAL C 69 2.18 -25.97 -5.97
N ASP C 70 3.17 -26.85 -5.93
CA ASP C 70 3.46 -27.78 -7.03
C ASP C 70 2.69 -29.10 -6.87
N ILE C 71 2.11 -29.60 -7.96
CA ILE C 71 1.37 -30.85 -8.05
C ILE C 71 1.95 -31.72 -9.19
N SER C 72 1.87 -33.04 -9.01
CA SER C 72 2.44 -34.03 -9.95
C SER C 72 1.54 -35.27 -10.04
N ALA C 73 1.74 -36.10 -11.07
CA ALA C 73 0.96 -37.33 -11.27
C ALA C 73 1.16 -38.34 -10.12
N LEU C 74 0.09 -39.01 -9.71
CA LEU C 74 0.10 -39.99 -8.60
C LEU C 74 -0.29 -41.40 -9.08
N THR C 75 0.22 -42.42 -8.40
CA THR C 75 -0.05 -43.85 -8.65
C THR C 75 -1.29 -44.38 -7.92
N ASP C 76 -1.87 -43.61 -7.01
CA ASP C 76 -2.94 -44.03 -6.11
C ASP C 76 -4.11 -43.03 -6.14
N VAL C 77 -5.33 -43.52 -5.98
CA VAL C 77 -6.55 -42.72 -6.12
C VAL C 77 -6.90 -41.91 -4.85
N ASP C 78 -7.73 -40.87 -5.00
CA ASP C 78 -8.38 -40.11 -3.91
C ASP C 78 -7.44 -39.33 -2.95
N GLN C 79 -6.20 -39.03 -3.35
CA GLN C 79 -5.18 -38.47 -2.46
C GLN C 79 -5.34 -36.97 -2.13
N LEU C 80 -5.01 -36.59 -0.89
CA LEU C 80 -4.91 -35.21 -0.39
C LEU C 80 -3.70 -34.48 -0.99
N LEU C 81 -3.87 -33.25 -1.47
CA LEU C 81 -2.79 -32.42 -1.98
C LEU C 81 -2.28 -31.39 -0.96
N PHE C 82 -3.16 -30.60 -0.35
CA PHE C 82 -2.83 -29.57 0.64
C PHE C 82 -4.05 -29.17 1.48
N ASN C 83 -3.83 -28.45 2.58
CA ASN C 83 -4.87 -27.80 3.37
C ASN C 83 -4.46 -26.39 3.84
N ILE C 84 -5.46 -25.56 4.18
CA ILE C 84 -5.30 -24.15 4.56
C ILE C 84 -6.08 -23.86 5.85
N PRO C 85 -5.45 -23.31 6.91
CA PRO C 85 -6.16 -22.79 8.08
C PRO C 85 -6.83 -21.44 7.77
N LEU C 86 -8.07 -21.22 8.24
CA LEU C 86 -8.89 -20.06 7.87
C LEU C 86 -8.92 -18.93 8.91
N ASP C 87 -8.11 -18.99 9.97
CA ASP C 87 -8.15 -18.05 11.09
C ASP C 87 -7.47 -16.70 10.72
N ILE C 88 -8.23 -15.81 10.09
CA ILE C 88 -7.72 -14.62 9.37
C ILE C 88 -7.06 -13.53 10.26
N GLN C 89 -7.15 -13.63 11.59
CA GLN C 89 -6.39 -12.81 12.54
C GLN C 89 -5.01 -13.38 12.88
N LEU C 90 -4.81 -14.69 12.84
CA LEU C 90 -3.58 -15.34 13.29
C LEU C 90 -2.50 -15.33 12.20
N ASP C 91 -1.24 -15.60 12.57
CA ASP C 91 -0.18 -15.82 11.58
C ASP C 91 -0.45 -17.11 10.79
N GLY C 92 -0.33 -17.06 9.47
CA GLY C 92 -0.66 -18.16 8.57
C GLY C 92 -0.83 -17.67 7.12
N PRO C 93 -1.13 -18.57 6.16
CA PRO C 93 -1.19 -18.26 4.74
C PRO C 93 -2.03 -17.04 4.33
N LEU C 94 -3.07 -16.70 5.10
CA LEU C 94 -3.97 -15.57 4.82
C LEU C 94 -3.46 -14.21 5.33
N ARG C 95 -2.48 -14.17 6.24
CA ARG C 95 -2.11 -12.95 6.98
C ARG C 95 -1.58 -11.83 6.08
N ASN C 96 -0.58 -12.12 5.26
CA ASN C 96 0.03 -11.14 4.35
C ASN C 96 -0.75 -11.02 3.04
N THR C 97 -2.00 -10.59 3.14
CA THR C 97 -2.94 -10.33 2.03
C THR C 97 -3.60 -8.98 2.27
N LEU C 98 -4.25 -8.40 1.27
CA LEU C 98 -4.97 -7.13 1.44
C LEU C 98 -6.08 -7.26 2.49
N VAL C 99 -6.86 -8.34 2.46
CA VAL C 99 -7.88 -8.63 3.47
C VAL C 99 -7.27 -8.92 4.85
N GLY C 100 -6.18 -9.68 4.94
CA GLY C 100 -5.52 -9.99 6.21
C GLY C 100 -4.89 -8.77 6.89
N ASN C 101 -4.12 -7.96 6.16
CA ASN C 101 -3.46 -6.78 6.70
C ASN C 101 -4.45 -5.72 7.22
N ILE C 102 -5.48 -5.37 6.44
CA ILE C 102 -6.48 -4.39 6.87
C ILE C 102 -7.29 -4.93 8.05
N SER C 103 -7.69 -6.22 8.04
CA SER C 103 -8.46 -6.81 9.15
C SER C 103 -7.71 -6.75 10.47
N ARG C 104 -6.38 -6.90 10.50
CA ARG C 104 -5.57 -6.86 11.73
C ARG C 104 -5.43 -5.46 12.37
N TYR C 105 -5.98 -4.39 11.79
CA TYR C 105 -6.23 -3.12 12.50
C TYR C 105 -7.55 -3.10 13.28
N TYR C 106 -8.41 -4.12 13.14
CA TYR C 106 -9.72 -4.20 13.79
C TYR C 106 -9.79 -5.44 14.70
N THR C 107 -10.91 -5.63 15.41
CA THR C 107 -11.05 -6.70 16.42
C THR C 107 -12.21 -7.65 16.11
N HIS C 108 -13.28 -7.17 15.48
CA HIS C 108 -14.43 -7.99 15.09
C HIS C 108 -14.61 -7.97 13.58
N TRP C 109 -15.06 -9.07 12.99
CA TRP C 109 -15.31 -9.18 11.55
C TRP C 109 -16.52 -10.04 11.23
N SER C 110 -17.10 -9.85 10.04
CA SER C 110 -18.27 -10.60 9.56
C SER C 110 -18.32 -10.64 8.03
N GLY C 111 -19.03 -11.59 7.44
CA GLY C 111 -19.28 -11.69 5.99
C GLY C 111 -18.48 -12.77 5.25
N SER C 112 -18.77 -12.95 3.97
CA SER C 112 -18.27 -14.05 3.14
C SER C 112 -16.91 -13.76 2.50
N LEU C 113 -16.14 -14.81 2.23
CA LEU C 113 -14.83 -14.77 1.56
C LEU C 113 -14.87 -15.57 0.25
N GLU C 114 -14.02 -15.24 -0.71
CA GLU C 114 -13.80 -16.07 -1.89
C GLU C 114 -12.33 -16.43 -2.04
N MET C 115 -12.05 -17.71 -2.32
CA MET C 115 -10.75 -18.18 -2.76
C MET C 115 -10.80 -18.50 -4.25
N THR C 116 -9.82 -18.01 -5.01
CA THR C 116 -9.69 -18.30 -6.42
C THR C 116 -8.33 -18.95 -6.71
N PHE C 117 -8.31 -20.02 -7.49
CA PHE C 117 -7.08 -20.73 -7.86
C PHE C 117 -6.84 -20.66 -9.37
N MET C 118 -5.59 -20.42 -9.79
CA MET C 118 -5.17 -20.40 -11.19
C MET C 118 -4.19 -21.54 -11.49
N PHE C 119 -4.47 -22.35 -12.51
CA PHE C 119 -3.56 -23.41 -12.97
C PHE C 119 -2.51 -22.89 -13.96
N CYS C 120 -1.24 -23.19 -13.71
CA CYS C 120 -0.10 -22.67 -14.48
C CYS C 120 0.73 -23.78 -15.15
N GLY C 121 0.13 -24.95 -15.44
CA GLY C 121 0.77 -26.00 -16.24
C GLY C 121 0.82 -25.68 -17.75
N SER C 122 1.32 -26.61 -18.57
CA SER C 122 1.33 -26.44 -20.03
C SER C 122 -0.07 -26.53 -20.64
N PHE C 123 -0.24 -26.18 -21.92
CA PHE C 123 -1.52 -26.33 -22.61
C PHE C 123 -1.96 -27.80 -22.76
N MET C 124 -1.00 -28.72 -22.91
CA MET C 124 -1.28 -30.15 -23.12
C MET C 124 -1.61 -30.91 -21.82
N ALA C 125 -1.40 -30.34 -20.63
CA ALA C 125 -1.73 -30.95 -19.34
C ALA C 125 -3.24 -30.98 -19.06
N THR C 126 -3.73 -32.04 -18.41
CA THR C 126 -5.16 -32.21 -18.02
C THR C 126 -5.31 -32.74 -16.60
N GLY C 127 -6.46 -32.53 -15.96
CA GLY C 127 -6.77 -33.02 -14.62
C GLY C 127 -8.08 -32.48 -14.06
N LYS C 128 -8.56 -33.09 -12.97
CA LYS C 128 -9.69 -32.59 -12.18
C LYS C 128 -9.35 -32.60 -10.68
N LEU C 129 -9.74 -31.56 -9.97
CA LEU C 129 -9.55 -31.39 -8.52
C LEU C 129 -10.88 -31.17 -7.80
N ILE C 130 -10.95 -31.50 -6.51
CA ILE C 130 -12.06 -31.12 -5.64
C ILE C 130 -11.56 -30.25 -4.48
N LEU C 131 -12.18 -29.08 -4.31
CA LEU C 131 -11.89 -28.10 -3.27
C LEU C 131 -13.03 -28.07 -2.26
N CYS C 132 -12.75 -28.29 -0.97
CA CYS C 132 -13.76 -28.41 0.07
C CYS C 132 -13.55 -27.40 1.21
N TYR C 133 -14.65 -26.83 1.72
CA TYR C 133 -14.72 -26.08 2.97
C TYR C 133 -15.51 -26.86 4.01
N THR C 134 -14.93 -27.10 5.19
CA THR C 134 -15.57 -27.81 6.30
C THR C 134 -15.86 -26.86 7.46
N PRO C 135 -17.13 -26.62 7.83
CA PRO C 135 -17.51 -25.90 9.04
C PRO C 135 -16.91 -26.51 10.32
N PRO C 136 -16.69 -25.71 11.38
CA PRO C 136 -15.99 -26.17 12.58
C PRO C 136 -16.77 -27.18 13.43
N GLY C 137 -16.08 -27.78 14.41
CA GLY C 137 -16.66 -28.73 15.37
C GLY C 137 -15.70 -29.84 15.81
N GLY C 138 -14.73 -30.20 14.97
CA GLY C 138 -13.72 -31.23 15.26
C GLY C 138 -12.50 -31.13 14.35
N SER C 139 -11.78 -32.23 14.17
CA SER C 139 -10.52 -32.28 13.42
C SER C 139 -10.70 -32.04 11.92
N CYS C 140 -9.67 -31.53 11.26
CA CYS C 140 -9.62 -31.39 9.80
C CYS C 140 -9.74 -32.77 9.10
N PRO C 141 -10.57 -32.93 8.05
CA PRO C 141 -10.71 -34.21 7.36
C PRO C 141 -9.46 -34.59 6.57
N THR C 142 -9.16 -35.90 6.51
CA THR C 142 -7.96 -36.45 5.87
C THR C 142 -8.24 -37.39 4.69
N THR C 143 -9.50 -37.66 4.36
CA THR C 143 -9.93 -38.53 3.26
C THR C 143 -11.04 -37.89 2.43
N ARG C 144 -11.04 -38.12 1.10
CA ARG C 144 -11.98 -37.45 0.18
C ARG C 144 -13.43 -37.73 0.52
N GLU C 145 -13.76 -38.96 0.91
CA GLU C 145 -15.10 -39.38 1.30
C GLU C 145 -15.61 -38.71 2.59
N THR C 146 -14.73 -38.17 3.44
CA THR C 146 -15.11 -37.34 4.57
C THR C 146 -15.30 -35.88 4.15
N ALA C 147 -14.34 -35.33 3.39
CA ALA C 147 -14.33 -33.93 3.00
C ALA C 147 -15.50 -33.54 2.06
N MET C 148 -15.89 -34.42 1.13
CA MET C 148 -16.97 -34.15 0.16
C MET C 148 -18.38 -34.00 0.80
N LEU C 149 -18.55 -34.31 2.08
CA LEU C 149 -19.79 -34.03 2.83
C LEU C 149 -19.97 -32.53 3.16
N GLY C 150 -18.89 -31.73 3.14
CA GLY C 150 -18.94 -30.27 3.31
C GLY C 150 -19.29 -29.49 2.04
N THR C 151 -19.19 -28.16 2.11
CA THR C 151 -19.33 -27.28 0.94
C THR C 151 -18.16 -27.51 -0.01
N HIS C 152 -18.39 -27.71 -1.31
CA HIS C 152 -17.30 -28.00 -2.23
C HIS C 152 -17.58 -27.62 -3.69
N VAL C 153 -16.52 -27.52 -4.48
CA VAL C 153 -16.58 -27.40 -5.94
C VAL C 153 -15.64 -28.39 -6.60
N VAL C 154 -16.08 -29.02 -7.69
CA VAL C 154 -15.25 -29.88 -8.55
C VAL C 154 -14.82 -29.09 -9.78
N TRP C 155 -13.51 -29.02 -10.01
CA TRP C 155 -12.86 -28.16 -11.01
C TRP C 155 -12.24 -28.99 -12.15
N ASP C 156 -12.57 -28.64 -13.39
CA ASP C 156 -12.02 -29.20 -14.62
C ASP C 156 -11.03 -28.21 -15.28
N PHE C 157 -9.78 -28.62 -15.54
CA PHE C 157 -8.81 -27.77 -16.26
C PHE C 157 -9.20 -27.62 -17.74
N GLY C 158 -9.08 -26.43 -18.31
CA GLY C 158 -9.50 -26.13 -19.68
C GLY C 158 -9.16 -24.72 -20.14
N LEU C 159 -9.93 -24.17 -21.08
CA LEU C 159 -9.71 -22.83 -21.65
C LEU C 159 -9.88 -21.71 -20.62
N GLN C 160 -10.86 -21.81 -19.72
CA GLN C 160 -10.92 -20.95 -18.52
C GLN C 160 -9.88 -21.45 -17.50
N SER C 161 -8.96 -20.57 -17.11
CA SER C 161 -7.75 -20.91 -16.33
C SER C 161 -7.98 -21.12 -14.84
N SER C 162 -9.11 -20.64 -14.30
CA SER C 162 -9.27 -20.39 -12.87
C SER C 162 -10.66 -20.73 -12.34
N VAL C 163 -10.76 -21.12 -11.07
CA VAL C 163 -12.02 -21.44 -10.38
C VAL C 163 -12.14 -20.70 -9.05
N THR C 164 -13.35 -20.32 -8.66
CA THR C 164 -13.65 -19.69 -7.38
C THR C 164 -14.41 -20.65 -6.44
N LEU C 165 -13.95 -20.78 -5.20
CA LEU C 165 -14.68 -21.37 -4.08
C LEU C 165 -15.17 -20.24 -3.16
N ILE C 166 -16.49 -20.13 -2.96
CA ILE C 166 -17.06 -19.25 -1.95
C ILE C 166 -16.98 -19.92 -0.57
N ILE C 167 -16.49 -19.20 0.43
CA ILE C 167 -16.57 -19.57 1.84
C ILE C 167 -17.72 -18.75 2.44
N PRO C 168 -18.94 -19.31 2.56
CA PRO C 168 -20.12 -18.56 2.97
C PRO C 168 -20.04 -18.20 4.46
N TRP C 169 -20.62 -17.07 4.85
CA TRP C 169 -20.75 -16.73 6.26
C TRP C 169 -21.72 -17.69 6.97
N ILE C 170 -21.18 -18.56 7.82
CA ILE C 170 -21.92 -19.51 8.66
C ILE C 170 -21.41 -19.36 10.09
N SER C 171 -22.20 -18.72 10.93
CA SER C 171 -21.87 -18.37 12.31
C SER C 171 -23.13 -18.31 13.17
N GLY C 172 -23.04 -18.62 14.46
CA GLY C 172 -24.14 -18.40 15.41
C GLY C 172 -24.32 -16.93 15.74
N SER C 173 -23.23 -16.23 16.06
CA SER C 173 -23.18 -14.79 16.35
C SER C 173 -23.05 -13.93 15.08
N HIS C 174 -23.48 -12.66 15.15
CA HIS C 174 -23.39 -11.67 14.06
C HIS C 174 -21.95 -11.39 13.60
N TYR C 175 -20.99 -11.41 14.53
CA TYR C 175 -19.56 -11.21 14.29
C TYR C 175 -18.74 -12.36 14.86
N ARG C 176 -17.55 -12.61 14.28
CA ARG C 176 -16.46 -13.37 14.91
C ARG C 176 -15.44 -12.41 15.53
N MET C 177 -14.66 -12.91 16.49
CA MET C 177 -13.88 -12.10 17.41
C MET C 177 -12.40 -12.50 17.39
N PHE C 178 -11.50 -11.54 17.19
CA PHE C 178 -10.05 -11.73 17.16
C PHE C 178 -9.43 -11.83 18.57
N ASN C 179 -10.01 -12.66 19.42
CA ASN C 179 -9.41 -13.11 20.68
C ASN C 179 -8.14 -13.93 20.40
N ASN C 180 -7.20 -13.99 21.34
CA ASN C 180 -5.91 -14.69 21.18
C ASN C 180 -6.00 -16.21 21.44
N ASP C 181 -7.03 -16.88 20.91
CA ASP C 181 -7.29 -18.31 21.10
C ASP C 181 -7.91 -18.93 19.83
N ALA C 182 -7.14 -19.75 19.12
CA ALA C 182 -7.55 -20.39 17.88
C ALA C 182 -8.71 -21.40 18.03
N LYS C 183 -8.93 -21.94 19.24
CA LYS C 183 -9.92 -23.01 19.50
C LYS C 183 -11.21 -22.52 20.15
N SER C 184 -11.39 -21.21 20.28
CA SER C 184 -12.61 -20.58 20.79
C SER C 184 -13.79 -20.73 19.82
N THR C 185 -15.01 -20.96 20.35
CA THR C 185 -16.24 -20.98 19.55
C THR C 185 -16.62 -19.61 18.97
N ASN C 186 -16.00 -18.51 19.42
CA ASN C 186 -16.18 -17.17 18.85
C ASN C 186 -15.15 -16.82 17.75
N ALA C 187 -14.17 -17.68 17.49
CA ALA C 187 -13.03 -17.38 16.63
C ALA C 187 -12.83 -18.36 15.47
N ASN C 188 -12.95 -19.67 15.69
CA ASN C 188 -12.60 -20.68 14.68
C ASN C 188 -13.57 -20.69 13.48
N VAL C 189 -13.03 -20.76 12.26
CA VAL C 189 -13.81 -20.69 11.00
C VAL C 189 -14.01 -22.06 10.33
N GLY C 190 -13.25 -23.08 10.72
CA GLY C 190 -13.16 -24.36 10.01
C GLY C 190 -11.93 -24.46 9.10
N TYR C 191 -12.00 -25.28 8.05
CA TYR C 191 -10.83 -25.67 7.24
C TYR C 191 -11.11 -25.67 5.74
N VAL C 192 -10.09 -25.41 4.92
CA VAL C 192 -10.09 -25.69 3.47
C VAL C 192 -9.11 -26.81 3.14
N THR C 193 -9.53 -27.77 2.31
CA THR C 193 -8.74 -28.94 1.88
C THR C 193 -8.87 -29.18 0.37
N CYS C 194 -7.84 -29.70 -0.27
CA CYS C 194 -7.84 -30.01 -1.71
C CYS C 194 -7.43 -31.47 -1.99
N PHE C 195 -8.16 -32.17 -2.84
CA PHE C 195 -7.91 -33.56 -3.22
C PHE C 195 -7.91 -33.74 -4.75
N MET C 196 -7.24 -34.78 -5.24
CA MET C 196 -7.41 -35.27 -6.62
C MET C 196 -8.83 -35.82 -6.83
N GLN C 197 -9.53 -35.34 -7.85
CA GLN C 197 -10.80 -35.92 -8.32
C GLN C 197 -10.56 -37.01 -9.38
N THR C 198 -9.56 -36.82 -10.24
CA THR C 198 -9.01 -37.84 -11.16
C THR C 198 -7.50 -37.96 -10.94
N ASN C 199 -6.66 -37.48 -11.87
CA ASN C 199 -5.21 -37.43 -11.78
C ASN C 199 -4.67 -36.31 -12.68
N LEU C 200 -3.48 -35.78 -12.41
CA LEU C 200 -2.76 -34.90 -13.35
C LEU C 200 -2.13 -35.76 -14.45
N ILE C 201 -2.52 -35.57 -15.70
CA ILE C 201 -2.09 -36.39 -16.84
C ILE C 201 -1.46 -35.49 -17.92
N VAL C 202 -0.21 -35.77 -18.30
CA VAL C 202 0.61 -34.96 -19.22
C VAL C 202 1.38 -35.84 -20.22
N PRO C 203 1.66 -35.37 -21.44
CA PRO C 203 2.50 -36.09 -22.40
C PRO C 203 4.00 -35.93 -22.09
N SER C 204 4.84 -36.77 -22.70
CA SER C 204 6.29 -36.85 -22.45
C SER C 204 7.08 -35.55 -22.65
N GLU C 205 6.65 -34.63 -23.52
CA GLU C 205 7.37 -33.36 -23.78
C GLU C 205 6.96 -32.20 -22.85
N SER C 206 5.84 -32.30 -22.12
CA SER C 206 5.53 -31.35 -21.05
C SER C 206 6.35 -31.66 -19.80
N SER C 207 6.57 -30.65 -18.95
CA SER C 207 7.14 -30.89 -17.61
C SER C 207 6.25 -31.81 -16.78
N ASP C 208 6.83 -32.70 -15.97
CA ASP C 208 6.08 -33.70 -15.19
C ASP C 208 5.36 -33.11 -13.95
N THR C 209 5.62 -31.85 -13.63
CA THR C 209 5.14 -31.16 -12.43
C THR C 209 4.58 -29.79 -12.81
N CYS C 210 3.41 -29.42 -12.28
CA CYS C 210 2.70 -28.19 -12.60
C CYS C 210 2.34 -27.41 -11.33
N SER C 211 2.08 -26.11 -11.43
CA SER C 211 1.89 -25.25 -10.25
C SER C 211 0.50 -24.60 -10.19
N LEU C 212 0.00 -24.43 -8.98
CA LEU C 212 -1.19 -23.65 -8.62
C LEU C 212 -0.79 -22.36 -7.90
N ILE C 213 -1.40 -21.23 -8.25
CA ILE C 213 -1.38 -19.99 -7.46
C ILE C 213 -2.76 -19.79 -6.82
N GLY C 214 -2.81 -19.55 -5.51
CA GLY C 214 -4.05 -19.27 -4.78
C GLY C 214 -4.21 -17.80 -4.39
N PHE C 215 -5.41 -17.26 -4.58
CA PHE C 215 -5.78 -15.87 -4.27
C PHE C 215 -6.97 -15.83 -3.31
N ILE C 216 -7.07 -14.79 -2.47
CA ILE C 216 -8.21 -14.56 -1.58
C ILE C 216 -8.70 -13.10 -1.63
N ALA C 217 -9.99 -12.89 -1.46
CA ALA C 217 -10.65 -11.59 -1.27
C ALA C 217 -11.95 -11.70 -0.46
N ALA C 218 -12.44 -10.60 0.10
CA ALA C 218 -13.76 -10.53 0.69
C ALA C 218 -14.86 -10.18 -0.35
N LYS C 219 -16.10 -10.62 -0.11
CA LYS C 219 -17.28 -10.15 -0.85
C LYS C 219 -17.81 -8.82 -0.28
N ASP C 220 -18.82 -8.20 -0.91
CA ASP C 220 -19.40 -6.93 -0.46
C ASP C 220 -20.37 -7.04 0.73
N ASP C 221 -20.62 -8.25 1.27
CA ASP C 221 -21.30 -8.45 2.57
C ASP C 221 -20.34 -8.31 3.78
N PHE C 222 -19.05 -8.07 3.56
CA PHE C 222 -18.01 -8.02 4.60
C PHE C 222 -18.06 -6.75 5.46
N SER C 223 -17.73 -6.85 6.75
CA SER C 223 -17.71 -5.73 7.71
C SER C 223 -16.63 -5.90 8.77
N LEU C 224 -16.11 -4.80 9.32
CA LEU C 224 -15.08 -4.74 10.35
C LEU C 224 -15.45 -3.71 11.42
N ARG C 225 -15.10 -3.95 12.69
CA ARG C 225 -15.26 -2.96 13.78
C ARG C 225 -14.29 -3.14 14.95
N LEU C 226 -14.24 -2.13 15.81
CA LEU C 226 -13.39 -1.97 16.98
C LEU C 226 -11.90 -1.91 16.63
N MET C 227 -11.46 -0.74 16.19
CA MET C 227 -10.07 -0.48 15.77
C MET C 227 -9.04 -0.59 16.91
N ARG C 228 -7.82 -1.03 16.59
CA ARG C 228 -6.69 -1.25 17.51
C ARG C 228 -5.33 -1.05 16.82
N ASP C 229 -4.26 -0.87 17.58
CA ASP C 229 -2.89 -0.88 17.04
C ASP C 229 -2.58 -2.21 16.34
N SER C 230 -2.00 -2.18 15.14
CA SER C 230 -1.65 -3.41 14.41
C SER C 230 -0.44 -4.13 15.04
N PRO C 231 -0.48 -5.46 15.20
CA PRO C 231 0.64 -6.25 15.68
C PRO C 231 1.71 -6.54 14.60
N ASP C 232 1.51 -6.15 13.34
CA ASP C 232 2.45 -6.40 12.23
C ASP C 232 3.67 -5.47 12.19
N ILE C 233 3.77 -4.46 13.06
CA ILE C 233 4.90 -3.52 13.10
C ILE C 233 5.21 -3.11 14.55
N GLY C 234 6.47 -2.80 14.83
CA GLY C 234 6.92 -2.35 16.15
C GLY C 234 8.39 -1.93 16.15
N GLN C 235 8.83 -1.28 17.23
CA GLN C 235 10.20 -0.83 17.42
C GLN C 235 10.62 -0.95 18.89
N LEU C 236 11.91 -1.17 19.13
CA LEU C 236 12.51 -1.15 20.47
C LEU C 236 13.43 0.07 20.69
N ASP C 237 13.74 0.81 19.62
CA ASP C 237 14.68 1.92 19.56
C ASP C 237 14.19 3.01 18.59
N HIS C 238 14.80 4.19 18.66
CA HIS C 238 14.70 5.20 17.59
C HIS C 238 15.37 4.70 16.31
N LEU C 239 14.80 5.04 15.15
CA LEU C 239 15.36 4.71 13.84
C LEU C 239 16.64 5.49 13.56
N HIS C 240 17.44 5.04 12.59
CA HIS C 240 18.58 5.81 12.08
C HIS C 240 18.14 7.18 11.53
N ALA C 241 18.99 8.19 11.69
CA ALA C 241 18.77 9.59 11.34
C ALA C 241 17.63 10.32 12.09
N ALA C 242 16.94 9.69 13.04
CA ALA C 242 15.90 10.35 13.83
C ALA C 242 16.44 11.49 14.71
N GLU C 243 17.67 11.39 15.21
CA GLU C 243 18.32 12.47 15.98
C GLU C 243 18.62 13.71 15.11
N ALA C 244 18.94 13.53 13.83
CA ALA C 244 19.28 14.63 12.93
C ALA C 244 18.13 15.63 12.71
N ALA C 245 16.88 15.22 12.95
CA ALA C 245 15.73 16.13 12.95
C ALA C 245 15.77 17.18 14.07
N TYR C 246 16.55 16.94 15.14
CA TYR C 246 16.76 17.85 16.27
C TYR C 246 18.06 18.66 16.18
N GLN C 247 18.85 18.47 15.11
CA GLN C 247 20.16 19.10 14.91
C GLN C 247 20.23 19.80 13.54
N GLN D 1 -22.48 20.66 16.42
CA GLN D 1 -21.15 21.11 15.95
C GLN D 1 -20.96 22.60 16.24
N ILE D 2 -19.91 22.98 16.97
CA ILE D 2 -19.64 24.37 17.39
C ILE D 2 -18.33 24.86 16.77
N ASN D 3 -18.36 26.00 16.07
CA ASN D 3 -17.17 26.64 15.49
C ASN D 3 -17.33 28.17 15.44
N PHE D 4 -16.54 28.90 16.22
CA PHE D 4 -16.49 30.36 16.23
C PHE D 4 -15.21 30.94 15.59
N TYR D 5 -14.34 30.12 15.01
CA TYR D 5 -13.16 30.58 14.27
C TYR D 5 -13.55 31.04 12.85
N LYS D 6 -12.79 31.99 12.30
CA LYS D 6 -13.08 32.56 10.97
C LYS D 6 -12.60 31.70 9.80
N ASP D 7 -11.44 31.07 9.92
CA ASP D 7 -10.87 30.19 8.89
C ASP D 7 -11.57 28.82 8.87
N SER D 8 -12.06 28.37 7.72
CA SER D 8 -12.84 27.12 7.62
C SER D 8 -12.04 25.85 7.94
N TYR D 9 -10.71 25.86 7.78
CA TYR D 9 -9.85 24.73 8.10
C TYR D 9 -9.75 24.44 9.62
N ALA D 10 -10.16 25.36 10.48
CA ALA D 10 -10.18 25.19 11.94
C ALA D 10 -11.23 24.17 12.44
N ALA D 11 -12.25 23.85 11.63
CA ALA D 11 -13.38 23.01 11.99
C ALA D 11 -13.03 21.57 12.41
N SER D 12 -13.99 20.89 13.04
CA SER D 12 -13.95 19.46 13.39
C SER D 12 -13.88 18.55 12.15
N ALA D 13 -13.57 17.26 12.35
CA ALA D 13 -13.45 16.26 11.28
C ALA D 13 -14.80 16.02 10.55
N SER D 14 -14.74 15.54 9.29
CA SER D 14 -15.94 15.29 8.47
C SER D 14 -16.11 13.80 8.16
N LYS D 15 -17.22 13.20 8.61
CA LYS D 15 -17.42 11.74 8.65
C LYS D 15 -18.76 11.30 8.03
N GLN D 16 -19.17 11.97 6.96
CA GLN D 16 -20.49 11.78 6.32
C GLN D 16 -20.44 11.41 4.83
N ASP D 17 -19.26 11.23 4.21
CA ASP D 17 -19.16 10.81 2.81
C ASP D 17 -19.18 9.29 2.64
N PHE D 18 -20.37 8.73 2.37
CA PHE D 18 -20.60 7.30 2.17
C PHE D 18 -20.53 6.86 0.68
N SER D 19 -20.04 7.71 -0.23
CA SER D 19 -19.93 7.36 -1.65
C SER D 19 -18.74 6.43 -1.94
N GLN D 20 -18.93 5.37 -2.73
CA GLN D 20 -17.92 4.36 -3.07
C GLN D 20 -17.95 4.00 -4.57
N ASP D 21 -16.84 3.49 -5.10
CA ASP D 21 -16.81 2.81 -6.41
C ASP D 21 -15.69 1.77 -6.48
N PRO D 22 -15.88 0.56 -5.91
CA PRO D 22 -14.87 -0.50 -5.90
C PRO D 22 -14.38 -0.89 -7.30
N SER D 23 -15.22 -0.73 -8.34
CA SER D 23 -14.93 -1.18 -9.69
C SER D 23 -13.66 -0.58 -10.31
N LYS D 24 -13.21 0.61 -9.89
CA LYS D 24 -11.94 1.18 -10.37
C LYS D 24 -10.70 0.39 -9.93
N PHE D 25 -10.83 -0.41 -8.86
CA PHE D 25 -9.79 -1.33 -8.39
C PHE D 25 -10.09 -2.79 -8.75
N THR D 26 -11.35 -3.25 -8.66
CA THR D 26 -11.72 -4.66 -8.89
C THR D 26 -12.00 -5.03 -10.34
N GLU D 27 -12.40 -4.08 -11.21
CA GLU D 27 -12.80 -4.33 -12.60
C GLU D 27 -12.21 -3.27 -13.59
N PRO D 28 -10.89 -3.04 -13.63
CA PRO D 28 -10.26 -1.99 -14.43
C PRO D 28 -10.09 -2.37 -15.92
N VAL D 29 -11.08 -3.03 -16.53
CA VAL D 29 -11.01 -3.64 -17.87
C VAL D 29 -12.08 -3.11 -18.82
N VAL D 30 -11.81 -3.11 -20.12
CA VAL D 30 -12.63 -2.43 -21.13
C VAL D 30 -13.92 -3.19 -21.50
#